data_6OBK
#
_entry.id   6OBK
#
_entity_poly.entity_id   1
_entity_poly.type   'polypeptide(L)'
_entity_poly.pdbx_seq_one_letter_code
;MNKEHILAQKEVLTPIEYEHYVKHLFDIGEITKELYIELSSDL
;
_entity_poly.pdbx_strand_id   A
#
# COMPACT_ATOMS: atom_id res chain seq x y z
N MET A 1 -9.99 3.79 12.40
CA MET A 1 -9.07 3.88 11.27
C MET A 1 -8.89 2.52 10.61
N ASN A 2 -8.91 2.50 9.28
CA ASN A 2 -8.75 1.27 8.52
C ASN A 2 -7.47 1.30 7.70
N LYS A 3 -6.35 1.55 8.35
CA LYS A 3 -5.05 1.61 7.68
C LYS A 3 -4.28 0.31 7.87
N GLU A 4 -4.45 -0.30 9.04
CA GLU A 4 -3.77 -1.55 9.35
C GLU A 4 -4.46 -2.73 8.67
N HIS A 5 -5.79 -2.67 8.59
CA HIS A 5 -6.58 -3.72 7.96
C HIS A 5 -6.21 -3.88 6.49
N ILE A 6 -6.12 -2.76 5.79
CA ILE A 6 -5.77 -2.76 4.37
C ILE A 6 -4.30 -3.12 4.16
N LEU A 7 -3.46 -2.72 5.10
CA LEU A 7 -2.02 -3.00 5.03
C LEU A 7 -1.78 -4.49 4.83
N ALA A 8 -2.36 -5.30 5.70
CA ALA A 8 -2.20 -6.75 5.61
C ALA A 8 -2.53 -7.26 4.21
N GLN A 9 -3.50 -6.62 3.57
CA GLN A 9 -3.92 -7.00 2.23
C GLN A 9 -2.74 -6.95 1.26
N LYS A 10 -2.11 -5.79 1.17
CA LYS A 10 -0.97 -5.61 0.28
C LYS A 10 0.10 -6.68 0.54
N GLU A 11 0.17 -7.14 1.78
CA GLU A 11 1.14 -8.17 2.15
C GLU A 11 0.74 -9.53 1.57
N VAL A 12 -0.56 -9.76 1.48
CA VAL A 12 -1.08 -11.02 0.96
C VAL A 12 -1.00 -11.05 -0.57
N LEU A 13 -1.60 -10.04 -1.20
CA LEU A 13 -1.61 -9.95 -2.66
C LEU A 13 -0.19 -9.79 -3.20
N THR A 14 0.03 -10.25 -4.42
CA THR A 14 1.34 -10.16 -5.06
C THR A 14 1.88 -8.73 -4.98
N PRO A 15 3.20 -8.59 -5.21
CA PRO A 15 3.86 -7.28 -5.17
C PRO A 15 3.46 -6.39 -6.35
N ILE A 16 3.06 -7.02 -7.45
CA ILE A 16 2.66 -6.29 -8.64
C ILE A 16 1.33 -5.57 -8.41
N GLU A 17 0.39 -6.25 -7.76
CA GLU A 17 -0.91 -5.68 -7.47
C GLU A 17 -0.83 -4.64 -6.36
N TYR A 18 0.04 -4.91 -5.39
CA TYR A 18 0.22 -3.99 -4.26
C TYR A 18 0.52 -2.57 -4.75
N GLU A 19 1.25 -2.47 -5.85
CA GLU A 19 1.60 -1.18 -6.42
C GLU A 19 0.36 -0.31 -6.57
N HIS A 20 -0.77 -0.93 -6.88
CA HIS A 20 -2.02 -0.21 -7.05
C HIS A 20 -2.74 -0.05 -5.72
N TYR A 21 -2.52 -1.00 -4.81
CA TYR A 21 -3.16 -0.96 -3.50
C TYR A 21 -2.93 0.39 -2.81
N VAL A 22 -1.79 1.01 -3.12
CA VAL A 22 -1.44 2.29 -2.54
C VAL A 22 -1.98 3.44 -3.39
N LYS A 23 -2.25 3.16 -4.66
CA LYS A 23 -2.77 4.16 -5.57
C LYS A 23 -4.15 4.64 -5.13
N HIS A 24 -5.06 3.69 -4.92
CA HIS A 24 -6.41 4.02 -4.49
C HIS A 24 -6.41 4.75 -3.16
N LEU A 25 -5.46 4.40 -2.30
CA LEU A 25 -5.34 5.03 -0.99
C LEU A 25 -5.20 6.54 -1.13
N PHE A 26 -4.29 6.98 -1.98
CA PHE A 26 -4.06 8.40 -2.20
C PHE A 26 -5.39 9.14 -2.37
N ASP A 27 -6.37 8.47 -2.96
CA ASP A 27 -7.68 9.07 -3.18
C ASP A 27 -8.19 9.72 -1.91
N ILE A 28 -8.00 9.05 -0.78
CA ILE A 28 -8.44 9.57 0.50
C ILE A 28 -7.27 10.05 1.34
N GLY A 29 -6.11 9.45 1.12
CA GLY A 29 -4.91 9.83 1.86
C GLY A 29 -4.65 8.93 3.05
N GLU A 30 -5.14 7.69 2.96
CA GLU A 30 -4.96 6.72 4.04
C GLU A 30 -3.47 6.54 4.36
N ILE A 31 -2.72 6.02 3.40
CA ILE A 31 -1.29 5.80 3.58
C ILE A 31 -0.48 6.75 2.71
N THR A 32 0.60 7.28 3.29
CA THR A 32 1.48 8.20 2.57
C THR A 32 2.43 7.45 1.64
N LYS A 33 2.89 8.13 0.59
CA LYS A 33 3.82 7.53 -0.36
C LYS A 33 5.02 6.92 0.36
N GLU A 34 5.41 7.53 1.47
CA GLU A 34 6.54 7.04 2.26
C GLU A 34 6.43 5.54 2.49
N LEU A 35 5.21 5.06 2.65
CA LEU A 35 4.97 3.63 2.89
C LEU A 35 5.14 2.84 1.60
N TYR A 36 4.58 3.36 0.51
CA TYR A 36 4.66 2.69 -0.79
C TYR A 36 6.11 2.59 -1.24
N ILE A 37 6.91 3.61 -0.93
CA ILE A 37 8.31 3.63 -1.31
C ILE A 37 9.14 2.72 -0.41
N GLU A 38 8.85 2.76 0.89
CA GLU A 38 9.57 1.95 1.86
C GLU A 38 9.26 0.47 1.66
N LEU A 39 7.98 0.12 1.74
CA LEU A 39 7.55 -1.27 1.57
C LEU A 39 8.06 -1.83 0.25
N SER A 40 8.13 -0.99 -0.77
CA SER A 40 8.60 -1.41 -2.09
C SER A 40 10.02 -1.93 -2.00
N SER A 41 10.16 -3.26 -1.97
CA SER A 41 11.47 -3.89 -1.90
C SER A 41 11.70 -4.81 -3.09
N ASP A 42 11.20 -4.40 -4.25
CA ASP A 42 11.35 -5.19 -5.47
C ASP A 42 12.34 -4.53 -6.42
N LEU A 43 13.03 -5.35 -7.22
CA LEU A 43 14.01 -4.83 -8.17
C LEU A 43 14.23 -5.84 -9.30
N MET A 1 -10.72 -0.11 9.31
CA MET A 1 -10.10 0.82 8.37
C MET A 1 -8.97 1.59 9.03
N ASN A 2 -7.84 0.91 9.22
CA ASN A 2 -6.67 1.53 9.84
C ASN A 2 -5.49 1.57 8.88
N LYS A 3 -4.52 2.42 9.16
CA LYS A 3 -3.34 2.55 8.33
C LYS A 3 -2.46 1.31 8.43
N GLU A 4 -2.45 0.69 9.62
CA GLU A 4 -1.65 -0.50 9.85
C GLU A 4 -2.37 -1.75 9.33
N HIS A 5 -3.70 -1.76 9.48
CA HIS A 5 -4.51 -2.88 9.04
C HIS A 5 -4.65 -2.88 7.51
N ILE A 6 -4.95 -1.71 6.96
CA ILE A 6 -5.11 -1.57 5.52
C ILE A 6 -3.88 -2.07 4.77
N LEU A 7 -2.72 -1.88 5.37
CA LEU A 7 -1.46 -2.31 4.78
C LEU A 7 -1.32 -3.82 4.83
N ALA A 8 -1.86 -4.43 5.88
CA ALA A 8 -1.80 -5.87 6.05
C ALA A 8 -2.24 -6.59 4.78
N GLN A 9 -3.18 -6.00 4.05
CA GLN A 9 -3.67 -6.59 2.82
C GLN A 9 -2.63 -6.51 1.71
N LYS A 10 -1.97 -5.36 1.61
CA LYS A 10 -0.94 -5.16 0.60
C LYS A 10 0.09 -6.27 0.65
N GLU A 11 0.33 -6.81 1.83
CA GLU A 11 1.29 -7.90 2.01
C GLU A 11 0.73 -9.22 1.49
N VAL A 12 -0.58 -9.40 1.63
CA VAL A 12 -1.24 -10.60 1.17
C VAL A 12 -1.35 -10.64 -0.35
N LEU A 13 -2.02 -9.64 -0.91
CA LEU A 13 -2.19 -9.55 -2.36
C LEU A 13 -0.85 -9.64 -3.07
N THR A 14 -0.89 -9.73 -4.39
CA THR A 14 0.32 -9.82 -5.20
C THR A 14 1.05 -8.48 -5.24
N PRO A 15 2.33 -8.52 -5.66
CA PRO A 15 3.16 -7.31 -5.76
C PRO A 15 2.71 -6.39 -6.90
N ILE A 16 2.09 -6.98 -7.91
CA ILE A 16 1.62 -6.21 -9.05
C ILE A 16 0.35 -5.44 -8.72
N GLU A 17 -0.47 -6.03 -7.84
CA GLU A 17 -1.72 -5.40 -7.43
C GLU A 17 -1.47 -4.34 -6.36
N TYR A 18 -0.50 -4.61 -5.49
CA TYR A 18 -0.17 -3.68 -4.41
C TYR A 18 0.20 -2.31 -4.97
N GLU A 19 0.84 -2.30 -6.14
CA GLU A 19 1.23 -1.06 -6.78
C GLU A 19 0.06 -0.09 -6.89
N HIS A 20 -1.12 -0.64 -7.17
CA HIS A 20 -2.33 0.18 -7.30
C HIS A 20 -3.01 0.33 -5.95
N TYR A 21 -2.83 -0.64 -5.07
CA TYR A 21 -3.43 -0.61 -3.75
C TYR A 21 -3.21 0.74 -3.07
N VAL A 22 -1.97 1.23 -3.14
CA VAL A 22 -1.62 2.51 -2.54
C VAL A 22 -2.02 3.66 -3.45
N LYS A 23 -2.16 3.38 -4.75
CA LYS A 23 -2.53 4.40 -5.72
C LYS A 23 -3.94 4.91 -5.46
N HIS A 24 -4.83 4.02 -5.03
CA HIS A 24 -6.21 4.38 -4.73
C HIS A 24 -6.30 5.10 -3.39
N LEU A 25 -5.45 4.71 -2.45
CA LEU A 25 -5.44 5.32 -1.12
C LEU A 25 -5.29 6.83 -1.22
N PHE A 26 -4.36 7.28 -2.05
CA PHE A 26 -4.12 8.70 -2.24
C PHE A 26 -5.43 9.46 -2.45
N ASP A 27 -6.40 8.77 -3.06
CA ASP A 27 -7.70 9.37 -3.33
C ASP A 27 -8.24 10.07 -2.09
N ILE A 28 -8.25 9.35 -0.98
CA ILE A 28 -8.75 9.90 0.28
C ILE A 28 -7.60 10.32 1.19
N GLY A 29 -6.46 9.64 1.05
CA GLY A 29 -5.30 9.96 1.86
C GLY A 29 -5.11 8.96 3.00
N GLU A 30 -5.61 7.75 2.80
CA GLU A 30 -5.48 6.71 3.81
C GLU A 30 -4.01 6.47 4.17
N ILE A 31 -3.25 5.98 3.20
CA ILE A 31 -1.83 5.70 3.41
C ILE A 31 -0.96 6.68 2.62
N THR A 32 0.18 7.05 3.21
CA THR A 32 1.09 7.98 2.57
C THR A 32 2.13 7.24 1.73
N LYS A 33 2.73 7.94 0.78
CA LYS A 33 3.75 7.35 -0.09
C LYS A 33 4.83 6.65 0.74
N GLU A 34 5.07 7.16 1.93
CA GLU A 34 6.08 6.58 2.82
C GLU A 34 5.92 5.06 2.90
N LEU A 35 4.71 4.61 3.15
CA LEU A 35 4.42 3.18 3.25
C LEU A 35 4.67 2.48 1.92
N TYR A 36 4.13 3.07 0.85
CA TYR A 36 4.29 2.51 -0.48
C TYR A 36 5.77 2.29 -0.82
N ILE A 37 6.59 3.28 -0.49
CA ILE A 37 8.02 3.19 -0.75
C ILE A 37 8.70 2.23 0.21
N GLU A 38 8.44 2.41 1.51
CA GLU A 38 9.03 1.55 2.53
C GLU A 38 8.74 0.09 2.24
N LEU A 39 7.45 -0.25 2.15
CA LEU A 39 7.03 -1.63 1.88
C LEU A 39 7.69 -2.15 0.61
N SER A 40 7.84 -1.27 -0.38
CA SER A 40 8.45 -1.64 -1.65
C SER A 40 9.82 -2.28 -1.43
N SER A 41 9.86 -3.61 -1.51
CA SER A 41 11.11 -4.35 -1.33
C SER A 41 11.64 -4.86 -2.66
N ASP A 42 11.46 -4.06 -3.71
CA ASP A 42 11.93 -4.43 -5.04
C ASP A 42 13.24 -3.72 -5.38
N LEU A 43 13.66 -3.82 -6.63
CA LEU A 43 14.90 -3.18 -7.08
C LEU A 43 14.61 -2.11 -8.12
N MET A 1 -9.39 -0.25 5.09
CA MET A 1 -9.70 0.71 6.14
C MET A 1 -8.55 0.86 7.12
N ASN A 2 -8.44 2.02 7.74
CA ASN A 2 -7.39 2.29 8.71
C ASN A 2 -6.02 2.17 8.05
N LYS A 3 -4.97 2.22 8.87
CA LYS A 3 -3.61 2.12 8.37
C LYS A 3 -2.98 0.78 8.77
N GLU A 4 -3.32 0.31 9.97
CA GLU A 4 -2.79 -0.96 10.46
C GLU A 4 -3.59 -2.14 9.89
N HIS A 5 -4.90 -1.95 9.77
CA HIS A 5 -5.77 -2.99 9.25
C HIS A 5 -5.63 -3.11 7.73
N ILE A 6 -5.60 -1.97 7.05
CA ILE A 6 -5.46 -1.94 5.61
C ILE A 6 -4.21 -2.69 5.16
N LEU A 7 -3.18 -2.65 5.99
CA LEU A 7 -1.92 -3.33 5.69
C LEU A 7 -2.16 -4.79 5.32
N ALA A 8 -3.16 -5.40 5.95
CA ALA A 8 -3.48 -6.79 5.69
C ALA A 8 -3.97 -6.97 4.25
N GLN A 9 -4.64 -5.95 3.72
CA GLN A 9 -5.16 -6.00 2.36
C GLN A 9 -4.03 -6.17 1.35
N LYS A 10 -3.05 -5.27 1.42
CA LYS A 10 -1.91 -5.31 0.51
C LYS A 10 -1.02 -6.52 0.82
N GLU A 11 -1.27 -7.16 1.95
CA GLU A 11 -0.49 -8.33 2.36
C GLU A 11 -1.13 -9.61 1.85
N VAL A 12 -2.44 -9.57 1.61
CA VAL A 12 -3.17 -10.73 1.13
C VAL A 12 -3.23 -10.73 -0.40
N LEU A 13 -2.34 -9.97 -1.03
CA LEU A 13 -2.30 -9.88 -2.48
C LEU A 13 -0.87 -9.90 -2.99
N THR A 14 -0.69 -10.28 -4.25
CA THR A 14 0.64 -10.34 -4.85
C THR A 14 1.39 -9.03 -4.64
N PRO A 15 2.73 -9.07 -4.80
CA PRO A 15 3.60 -7.91 -4.63
C PRO A 15 3.40 -6.88 -5.74
N ILE A 16 3.00 -7.36 -6.92
CA ILE A 16 2.78 -6.47 -8.06
C ILE A 16 1.48 -5.69 -7.90
N GLU A 17 0.48 -6.32 -7.31
CA GLU A 17 -0.81 -5.68 -7.10
C GLU A 17 -0.74 -4.68 -5.94
N TYR A 18 0.02 -5.03 -4.91
CA TYR A 18 0.18 -4.16 -3.75
C TYR A 18 0.66 -2.78 -4.16
N GLU A 19 1.63 -2.74 -5.07
CA GLU A 19 2.17 -1.48 -5.54
C GLU A 19 1.07 -0.56 -6.06
N HIS A 20 0.05 -1.15 -6.66
CA HIS A 20 -1.07 -0.39 -7.20
C HIS A 20 -2.13 -0.16 -6.12
N TYR A 21 -2.17 -1.04 -5.13
CA TYR A 21 -3.13 -0.93 -4.04
C TYR A 21 -3.03 0.42 -3.35
N VAL A 22 -1.84 1.03 -3.41
CA VAL A 22 -1.60 2.33 -2.79
C VAL A 22 -2.07 3.45 -3.70
N LYS A 23 -2.22 3.15 -4.99
CA LYS A 23 -2.66 4.14 -5.96
C LYS A 23 -4.02 4.71 -5.57
N HIS A 24 -4.89 3.85 -5.04
CA HIS A 24 -6.23 4.27 -4.63
C HIS A 24 -6.17 5.04 -3.31
N LEU A 25 -5.25 4.65 -2.45
CA LEU A 25 -5.08 5.30 -1.15
C LEU A 25 -4.91 6.81 -1.32
N PHE A 26 -4.05 7.20 -2.25
CA PHE A 26 -3.79 8.60 -2.51
C PHE A 26 -5.09 9.38 -2.65
N ASP A 27 -6.13 8.71 -3.15
CA ASP A 27 -7.43 9.33 -3.33
C ASP A 27 -7.85 10.09 -2.08
N ILE A 28 -7.79 9.42 -0.94
CA ILE A 28 -8.17 10.03 0.33
C ILE A 28 -6.93 10.45 1.12
N GLY A 29 -5.83 9.74 0.91
CA GLY A 29 -4.60 10.05 1.62
C GLY A 29 -4.33 9.09 2.76
N GLU A 30 -4.86 7.89 2.66
CA GLU A 30 -4.66 6.88 3.70
C GLU A 30 -3.18 6.63 3.95
N ILE A 31 -2.49 6.07 2.97
CA ILE A 31 -1.07 5.78 3.08
C ILE A 31 -0.25 6.68 2.16
N THR A 32 0.92 7.09 2.64
CA THR A 32 1.80 7.96 1.86
C THR A 32 2.78 7.13 1.03
N LYS A 33 3.31 7.75 -0.01
CA LYS A 33 4.27 7.08 -0.89
C LYS A 33 5.41 6.47 -0.07
N GLU A 34 5.72 7.08 1.06
CA GLU A 34 6.79 6.58 1.93
C GLU A 34 6.64 5.08 2.17
N LEU A 35 5.40 4.62 2.26
CA LEU A 35 5.12 3.21 2.49
C LEU A 35 5.20 2.42 1.18
N TYR A 36 4.53 2.93 0.15
CA TYR A 36 4.54 2.27 -1.15
C TYR A 36 5.96 1.97 -1.62
N ILE A 37 6.88 2.88 -1.29
CA ILE A 37 8.28 2.71 -1.67
C ILE A 37 9.02 1.83 -0.67
N GLU A 38 8.92 2.18 0.60
CA GLU A 38 9.59 1.42 1.66
C GLU A 38 9.23 -0.05 1.57
N LEU A 39 7.94 -0.36 1.66
CA LEU A 39 7.46 -1.73 1.58
C LEU A 39 7.89 -2.39 0.28
N SER A 40 7.91 -1.60 -0.80
CA SER A 40 8.29 -2.11 -2.11
C SER A 40 9.71 -2.63 -2.10
N SER A 41 10.68 -1.72 -1.98
CA SER A 41 12.09 -2.09 -1.96
C SER A 41 12.50 -2.77 -3.26
N ASP A 42 12.03 -2.23 -4.38
CA ASP A 42 12.34 -2.78 -5.69
C ASP A 42 12.93 -1.71 -6.61
N LEU A 43 12.09 -0.76 -7.01
CA LEU A 43 12.53 0.31 -7.89
C LEU A 43 13.00 -0.23 -9.23
N MET A 1 -6.81 5.47 9.25
CA MET A 1 -7.26 4.89 10.51
C MET A 1 -6.92 3.40 10.57
N ASN A 2 -7.35 2.66 9.55
CA ASN A 2 -7.08 1.23 9.49
C ASN A 2 -5.84 0.94 8.66
N LYS A 3 -4.76 1.64 8.96
CA LYS A 3 -3.50 1.45 8.25
C LYS A 3 -2.88 0.10 8.58
N GLU A 4 -3.07 -0.35 9.82
CA GLU A 4 -2.53 -1.63 10.26
C GLU A 4 -3.34 -2.79 9.70
N HIS A 5 -4.65 -2.60 9.62
CA HIS A 5 -5.54 -3.64 9.10
C HIS A 5 -5.48 -3.67 7.57
N ILE A 6 -5.63 -2.52 6.94
CA ILE A 6 -5.60 -2.43 5.49
C ILE A 6 -4.33 -3.06 4.92
N LEU A 7 -3.24 -2.97 5.68
CA LEU A 7 -1.96 -3.54 5.26
C LEU A 7 -2.13 -5.00 4.84
N ALA A 8 -3.03 -5.70 5.51
CA ALA A 8 -3.29 -7.10 5.20
C ALA A 8 -3.75 -7.27 3.76
N GLN A 9 -4.55 -6.32 3.28
CA GLN A 9 -5.06 -6.36 1.91
C GLN A 9 -3.91 -6.39 0.91
N LYS A 10 -2.89 -5.57 1.16
CA LYS A 10 -1.73 -5.51 0.28
C LYS A 10 -0.71 -6.59 0.62
N GLU A 11 -0.85 -7.16 1.82
CA GLU A 11 0.06 -8.22 2.27
C GLU A 11 -0.46 -9.59 1.87
N VAL A 12 -1.56 -9.60 1.12
CA VAL A 12 -2.16 -10.86 0.68
C VAL A 12 -2.36 -10.87 -0.83
N LEU A 13 -1.58 -10.05 -1.53
CA LEU A 13 -1.67 -9.95 -2.98
C LEU A 13 -0.29 -9.87 -3.61
N THR A 14 -0.22 -10.13 -4.91
CA THR A 14 1.05 -10.08 -5.63
C THR A 14 1.78 -8.77 -5.37
N PRO A 15 3.09 -8.75 -5.65
CA PRO A 15 3.93 -7.57 -5.45
C PRO A 15 3.62 -6.46 -6.45
N ILE A 16 3.14 -6.86 -7.63
CA ILE A 16 2.81 -5.91 -8.68
C ILE A 16 1.49 -5.20 -8.36
N GLU A 17 0.58 -5.91 -7.71
CA GLU A 17 -0.72 -5.35 -7.35
C GLU A 17 -0.60 -4.42 -6.14
N TYR A 18 0.22 -4.83 -5.17
CA TYR A 18 0.42 -4.03 -3.97
C TYR A 18 0.91 -2.63 -4.31
N GLU A 19 1.73 -2.54 -5.36
CA GLU A 19 2.27 -1.25 -5.79
C GLU A 19 1.15 -0.30 -6.19
N HIS A 20 0.14 -0.84 -6.87
CA HIS A 20 -0.99 -0.03 -7.32
C HIS A 20 -2.05 0.06 -6.23
N TYR A 21 -2.01 -0.87 -5.28
CA TYR A 21 -2.98 -0.90 -4.19
C TYR A 21 -3.00 0.43 -3.46
N VAL A 22 -1.85 1.08 -3.39
CA VAL A 22 -1.75 2.38 -2.72
C VAL A 22 -2.19 3.51 -3.63
N LYS A 23 -2.19 3.24 -4.94
CA LYS A 23 -2.59 4.24 -5.92
C LYS A 23 -3.99 4.77 -5.62
N HIS A 24 -4.88 3.87 -5.22
CA HIS A 24 -6.26 4.25 -4.91
C HIS A 24 -6.32 4.99 -3.57
N LEU A 25 -5.49 4.56 -2.62
CA LEU A 25 -5.46 5.18 -1.30
C LEU A 25 -5.31 6.69 -1.42
N PHE A 26 -4.42 7.13 -2.31
CA PHE A 26 -4.18 8.55 -2.51
C PHE A 26 -5.49 9.30 -2.67
N ASP A 27 -6.50 8.62 -3.22
CA ASP A 27 -7.80 9.24 -3.42
C ASP A 27 -8.29 9.93 -2.16
N ILE A 28 -8.26 9.20 -1.04
CA ILE A 28 -8.70 9.75 0.23
C ILE A 28 -7.50 10.19 1.08
N GLY A 29 -6.36 9.55 0.87
CA GLY A 29 -5.17 9.90 1.62
C GLY A 29 -4.88 8.93 2.74
N GLU A 30 -5.36 7.69 2.60
CA GLU A 30 -5.16 6.66 3.61
C GLU A 30 -3.68 6.48 3.89
N ILE A 31 -2.96 5.95 2.91
CA ILE A 31 -1.52 5.71 3.05
C ILE A 31 -0.72 6.65 2.15
N THR A 32 0.42 7.11 2.66
CA THR A 32 1.28 8.01 1.91
C THR A 32 2.33 7.23 1.10
N LYS A 33 2.92 7.89 0.11
CA LYS A 33 3.93 7.27 -0.72
C LYS A 33 5.03 6.64 0.13
N GLU A 34 5.27 7.22 1.30
CA GLU A 34 6.30 6.71 2.21
C GLU A 34 6.17 5.20 2.38
N LEU A 35 4.96 4.74 2.63
CA LEU A 35 4.70 3.31 2.80
C LEU A 35 4.80 2.57 1.48
N TYR A 36 4.18 3.12 0.44
CA TYR A 36 4.21 2.50 -0.88
C TYR A 36 5.64 2.21 -1.32
N ILE A 37 6.54 3.12 -1.01
CA ILE A 37 7.95 2.95 -1.36
C ILE A 37 8.69 2.13 -0.31
N GLU A 38 8.43 2.43 0.96
CA GLU A 38 9.07 1.71 2.05
C GLU A 38 8.91 0.20 1.88
N LEU A 39 7.66 -0.25 1.80
CA LEU A 39 7.37 -1.67 1.63
C LEU A 39 8.15 -2.25 0.45
N SER A 40 8.31 -1.44 -0.59
CA SER A 40 9.02 -1.88 -1.79
C SER A 40 10.54 -1.86 -1.56
N SER A 41 11.06 -2.95 -1.02
CA SER A 41 12.48 -3.06 -0.74
C SER A 41 13.12 -4.13 -1.62
N ASP A 42 12.69 -4.19 -2.89
CA ASP A 42 13.22 -5.16 -3.83
C ASP A 42 14.58 -4.70 -4.37
N LEU A 43 14.58 -3.58 -5.08
CA LEU A 43 15.82 -3.05 -5.66
C LEU A 43 16.18 -1.72 -5.00
N MET A 1 -9.73 1.76 5.99
CA MET A 1 -9.48 0.53 6.74
C MET A 1 -8.27 0.69 7.66
N ASN A 2 -8.13 1.88 8.23
CA ASN A 2 -7.01 2.17 9.13
C ASN A 2 -5.68 2.06 8.41
N LYS A 3 -4.59 2.09 9.17
CA LYS A 3 -3.26 1.99 8.60
C LYS A 3 -2.62 0.63 8.92
N GLU A 4 -2.92 0.12 10.11
CA GLU A 4 -2.38 -1.16 10.55
C GLU A 4 -3.22 -2.31 9.99
N HIS A 5 -4.53 -2.12 9.94
CA HIS A 5 -5.44 -3.13 9.43
C HIS A 5 -5.36 -3.21 7.91
N ILE A 6 -5.35 -2.05 7.25
CA ILE A 6 -5.28 -1.99 5.80
C ILE A 6 -4.06 -2.73 5.28
N LEU A 7 -2.98 -2.72 6.06
CA LEU A 7 -1.75 -3.39 5.67
C LEU A 7 -2.02 -4.84 5.27
N ALA A 8 -3.00 -5.45 5.93
CA ALA A 8 -3.36 -6.84 5.64
C ALA A 8 -3.85 -6.99 4.20
N GLN A 9 -4.51 -5.96 3.70
CA GLN A 9 -5.03 -5.99 2.33
C GLN A 9 -3.89 -6.13 1.33
N LYS A 10 -2.94 -5.21 1.37
CA LYS A 10 -1.81 -5.24 0.47
C LYS A 10 -0.90 -6.44 0.76
N GLU A 11 -1.13 -7.08 1.90
CA GLU A 11 -0.35 -8.25 2.28
C GLU A 11 -0.98 -9.53 1.76
N VAL A 12 -2.29 -9.51 1.56
CA VAL A 12 -3.01 -10.67 1.06
C VAL A 12 -3.09 -10.65 -0.47
N LEU A 13 -2.24 -9.83 -1.09
CA LEU A 13 -2.22 -9.73 -2.54
C LEU A 13 -0.78 -9.67 -3.06
N THR A 14 -0.58 -10.11 -4.29
CA THR A 14 0.75 -10.10 -4.90
C THR A 14 1.41 -8.73 -4.77
N PRO A 15 2.73 -8.70 -4.95
CA PRO A 15 3.52 -7.46 -4.86
C PRO A 15 3.23 -6.51 -6.01
N ILE A 16 2.88 -7.08 -7.16
CA ILE A 16 2.59 -6.29 -8.35
C ILE A 16 1.26 -5.55 -8.20
N GLU A 17 0.29 -6.19 -7.56
CA GLU A 17 -1.02 -5.60 -7.34
C GLU A 17 -0.97 -4.55 -6.24
N TYR A 18 -0.18 -4.82 -5.20
CA TYR A 18 -0.05 -3.91 -4.08
C TYR A 18 0.37 -2.52 -4.55
N GLU A 19 1.24 -2.49 -5.55
CA GLU A 19 1.71 -1.22 -6.10
C GLU A 19 0.55 -0.30 -6.45
N HIS A 20 -0.55 -0.90 -6.91
CA HIS A 20 -1.74 -0.13 -7.27
C HIS A 20 -2.63 0.11 -6.06
N TYR A 21 -2.57 -0.82 -5.10
CA TYR A 21 -3.38 -0.70 -3.88
C TYR A 21 -3.15 0.63 -3.20
N VAL A 22 -1.94 1.16 -3.33
CA VAL A 22 -1.59 2.44 -2.72
C VAL A 22 -2.04 3.61 -3.60
N LYS A 23 -2.24 3.34 -4.88
CA LYS A 23 -2.68 4.35 -5.82
C LYS A 23 -4.08 4.86 -5.46
N HIS A 24 -4.92 3.96 -4.98
CA HIS A 24 -6.28 4.32 -4.60
C HIS A 24 -6.29 5.06 -3.27
N LEU A 25 -5.37 4.71 -2.39
CA LEU A 25 -5.27 5.34 -1.08
C LEU A 25 -5.16 6.86 -1.22
N PHE A 26 -4.25 7.30 -2.07
CA PHE A 26 -4.04 8.73 -2.29
C PHE A 26 -5.38 9.45 -2.46
N ASP A 27 -6.36 8.75 -3.02
CA ASP A 27 -7.68 9.34 -3.23
C ASP A 27 -8.19 10.02 -1.97
N ILE A 28 -8.14 9.29 -0.85
CA ILE A 28 -8.59 9.82 0.43
C ILE A 28 -7.41 10.30 1.27
N GLY A 29 -6.25 9.67 1.07
CA GLY A 29 -5.07 10.05 1.82
C GLY A 29 -4.77 9.09 2.95
N GLU A 30 -5.22 7.84 2.80
CA GLU A 30 -4.99 6.82 3.81
C GLU A 30 -3.50 6.65 4.10
N ILE A 31 -2.78 6.12 3.11
CA ILE A 31 -1.34 5.90 3.24
C ILE A 31 -0.55 6.85 2.34
N THR A 32 0.60 7.29 2.83
CA THR A 32 1.45 8.20 2.07
C THR A 32 2.46 7.42 1.23
N LYS A 33 3.06 8.10 0.25
CA LYS A 33 4.06 7.48 -0.61
C LYS A 33 5.19 6.87 0.20
N GLU A 34 5.46 7.46 1.36
CA GLU A 34 6.53 6.98 2.23
C GLU A 34 6.41 5.48 2.44
N LEU A 35 5.18 4.98 2.50
CA LEU A 35 4.95 3.55 2.68
C LEU A 35 5.08 2.80 1.37
N TYR A 36 4.41 3.29 0.34
CA TYR A 36 4.46 2.67 -0.98
C TYR A 36 5.89 2.42 -1.42
N ILE A 37 6.77 3.37 -1.11
CA ILE A 37 8.18 3.25 -1.47
C ILE A 37 8.92 2.32 -0.52
N GLU A 38 8.82 2.59 0.78
CA GLU A 38 9.48 1.77 1.78
C GLU A 38 9.12 0.29 1.59
N LEU A 39 7.84 -0.01 1.64
CA LEU A 39 7.36 -1.38 1.47
C LEU A 39 7.85 -1.97 0.15
N SER A 40 7.92 -1.13 -0.88
CA SER A 40 8.36 -1.56 -2.20
C SER A 40 9.86 -1.84 -2.19
N SER A 41 10.23 -3.04 -1.76
CA SER A 41 11.64 -3.44 -1.70
C SER A 41 12.19 -3.67 -3.10
N ASP A 42 11.35 -4.22 -3.98
CA ASP A 42 11.76 -4.50 -5.35
C ASP A 42 12.36 -3.26 -6.00
N LEU A 43 13.62 -3.36 -6.41
CA LEU A 43 14.30 -2.25 -7.05
C LEU A 43 14.05 -2.24 -8.55
N MET A 1 -11.32 1.22 6.00
CA MET A 1 -11.68 2.00 7.17
C MET A 1 -10.43 2.46 7.91
N ASN A 2 -9.55 1.51 8.22
CA ASN A 2 -8.32 1.81 8.94
C ASN A 2 -7.09 1.47 8.10
N LYS A 3 -5.95 2.01 8.48
CA LYS A 3 -4.71 1.75 7.75
C LYS A 3 -4.22 0.32 7.99
N GLU A 4 -4.45 -0.18 9.20
CA GLU A 4 -4.03 -1.54 9.56
C GLU A 4 -4.86 -2.57 8.80
N HIS A 5 -6.15 -2.28 8.63
CA HIS A 5 -7.05 -3.18 7.92
C HIS A 5 -6.59 -3.41 6.49
N ILE A 6 -6.41 -2.31 5.75
CA ILE A 6 -5.96 -2.38 4.37
C ILE A 6 -4.51 -2.85 4.28
N LEU A 7 -3.72 -2.44 5.25
CA LEU A 7 -2.30 -2.81 5.29
C LEU A 7 -2.13 -4.32 5.13
N ALA A 8 -2.84 -5.08 5.97
CA ALA A 8 -2.77 -6.53 5.92
C ALA A 8 -3.00 -7.05 4.51
N GLN A 9 -3.79 -6.32 3.73
CA GLN A 9 -4.08 -6.70 2.36
C GLN A 9 -2.81 -6.69 1.51
N LYS A 10 -2.10 -5.57 1.53
CA LYS A 10 -0.87 -5.43 0.77
C LYS A 10 0.18 -6.43 1.24
N GLU A 11 -0.05 -7.02 2.40
CA GLU A 11 0.87 -8.00 2.96
C GLU A 11 0.44 -9.42 2.61
N VAL A 12 -0.59 -9.53 1.78
CA VAL A 12 -1.11 -10.83 1.37
C VAL A 12 -1.40 -10.86 -0.14
N LEU A 13 -0.72 -10.00 -0.87
CA LEU A 13 -0.90 -9.92 -2.32
C LEU A 13 0.45 -9.74 -3.03
N THR A 14 0.50 -10.13 -4.30
CA THR A 14 1.71 -10.01 -5.08
C THR A 14 2.30 -8.60 -4.98
N PRO A 15 3.58 -8.46 -5.35
CA PRO A 15 4.28 -7.18 -5.31
C PRO A 15 3.78 -6.20 -6.36
N ILE A 16 3.25 -6.74 -7.45
CA ILE A 16 2.73 -5.93 -8.54
C ILE A 16 1.41 -5.26 -8.14
N GLU A 17 0.61 -5.97 -7.37
CA GLU A 17 -0.68 -5.45 -6.92
C GLU A 17 -0.49 -4.44 -5.79
N TYR A 18 0.42 -4.74 -4.88
CA TYR A 18 0.69 -3.86 -3.75
C TYR A 18 1.03 -2.45 -4.24
N GLU A 19 1.68 -2.36 -5.39
CA GLU A 19 2.05 -1.08 -5.97
C GLU A 19 0.82 -0.18 -6.14
N HIS A 20 -0.30 -0.79 -6.49
CA HIS A 20 -1.54 -0.05 -6.70
C HIS A 20 -2.31 0.09 -5.38
N TYR A 21 -2.07 -0.84 -4.46
CA TYR A 21 -2.75 -0.82 -3.17
C TYR A 21 -2.61 0.55 -2.50
N VAL A 22 -1.50 1.23 -2.78
CA VAL A 22 -1.25 2.54 -2.21
C VAL A 22 -1.76 3.64 -3.13
N LYS A 23 -1.91 3.32 -4.41
CA LYS A 23 -2.39 4.27 -5.39
C LYS A 23 -3.80 4.75 -5.05
N HIS A 24 -4.71 3.81 -4.86
CA HIS A 24 -6.09 4.13 -4.53
C HIS A 24 -6.16 4.87 -3.20
N LEU A 25 -5.30 4.50 -2.26
CA LEU A 25 -5.27 5.14 -0.95
C LEU A 25 -5.18 6.65 -1.09
N PHE A 26 -4.27 7.11 -1.94
CA PHE A 26 -4.08 8.54 -2.17
C PHE A 26 -5.42 9.25 -2.35
N ASP A 27 -6.38 8.55 -2.94
CA ASP A 27 -7.71 9.10 -3.17
C ASP A 27 -8.26 9.74 -1.89
N ILE A 28 -8.03 9.08 -0.76
CA ILE A 28 -8.50 9.58 0.53
C ILE A 28 -7.34 10.11 1.36
N GLY A 29 -6.16 9.56 1.14
CA GLY A 29 -4.98 10.00 1.88
C GLY A 29 -4.69 9.11 3.08
N GLU A 30 -5.11 7.85 3.01
CA GLU A 30 -4.90 6.91 4.09
C GLU A 30 -3.42 6.78 4.41
N ILE A 31 -2.65 6.24 3.47
CA ILE A 31 -1.21 6.07 3.65
C ILE A 31 -0.42 7.01 2.74
N THR A 32 0.71 7.49 3.25
CA THR A 32 1.55 8.39 2.48
C THR A 32 2.44 7.63 1.51
N LYS A 33 2.70 8.24 0.35
CA LYS A 33 3.53 7.62 -0.67
C LYS A 33 4.84 7.10 -0.07
N GLU A 34 5.33 7.79 0.96
CA GLU A 34 6.57 7.41 1.61
C GLU A 34 6.57 5.92 1.94
N LEU A 35 5.41 5.41 2.34
CA LEU A 35 5.28 4.00 2.70
C LEU A 35 5.34 3.13 1.44
N TYR A 36 4.71 3.59 0.37
CA TYR A 36 4.69 2.85 -0.89
C TYR A 36 6.11 2.66 -1.43
N ILE A 37 6.97 3.63 -1.13
CA ILE A 37 8.36 3.56 -1.58
C ILE A 37 9.19 2.64 -0.71
N GLU A 38 9.20 2.93 0.59
CA GLU A 38 9.96 2.13 1.55
C GLU A 38 9.62 0.64 1.40
N LEU A 39 8.33 0.32 1.58
CA LEU A 39 7.87 -1.06 1.47
C LEU A 39 8.27 -1.66 0.12
N SER A 40 8.23 -0.83 -0.92
CA SER A 40 8.58 -1.28 -2.26
C SER A 40 10.05 -1.69 -2.34
N SER A 41 10.31 -2.96 -2.11
CA SER A 41 11.68 -3.48 -2.15
C SER A 41 11.81 -4.57 -3.21
N ASP A 42 11.14 -4.38 -4.34
CA ASP A 42 11.18 -5.35 -5.42
C ASP A 42 11.75 -4.71 -6.69
N LEU A 43 11.04 -3.72 -7.22
CA LEU A 43 11.47 -3.02 -8.43
C LEU A 43 11.37 -1.51 -8.26
N MET A 1 -8.61 4.16 6.91
CA MET A 1 -9.16 2.83 6.72
C MET A 1 -8.76 1.90 7.85
N ASN A 2 -7.47 1.58 7.92
CA ASN A 2 -6.96 0.71 8.97
C ASN A 2 -5.50 1.02 9.28
N LYS A 3 -4.71 1.26 8.23
CA LYS A 3 -3.29 1.57 8.39
C LYS A 3 -2.50 0.33 8.79
N GLU A 4 -2.78 -0.19 9.98
CA GLU A 4 -2.09 -1.37 10.48
C GLU A 4 -2.72 -2.65 9.91
N HIS A 5 -4.05 -2.65 9.81
CA HIS A 5 -4.76 -3.81 9.28
C HIS A 5 -4.76 -3.80 7.76
N ILE A 6 -4.85 -2.61 7.17
CA ILE A 6 -4.85 -2.47 5.73
C ILE A 6 -3.62 -3.11 5.11
N LEU A 7 -2.51 -3.09 5.85
CA LEU A 7 -1.25 -3.66 5.38
C LEU A 7 -1.47 -5.11 4.91
N ALA A 8 -2.38 -5.81 5.57
CA ALA A 8 -2.67 -7.19 5.22
C ALA A 8 -3.28 -7.29 3.82
N GLN A 9 -4.06 -6.27 3.45
CA GLN A 9 -4.69 -6.24 2.13
C GLN A 9 -3.65 -6.26 1.02
N LYS A 10 -2.73 -5.30 1.08
CA LYS A 10 -1.66 -5.20 0.08
C LYS A 10 -0.68 -6.36 0.20
N GLU A 11 -0.80 -7.11 1.30
CA GLU A 11 0.09 -8.25 1.54
C GLU A 11 -0.53 -9.53 0.98
N VAL A 12 -1.84 -9.55 0.87
CA VAL A 12 -2.55 -10.72 0.35
C VAL A 12 -2.76 -10.61 -1.16
N LEU A 13 -1.97 -9.75 -1.80
CA LEU A 13 -2.08 -9.55 -3.24
C LEU A 13 -0.69 -9.45 -3.87
N THR A 14 -0.62 -9.72 -5.17
CA THR A 14 0.64 -9.65 -5.90
C THR A 14 1.36 -8.33 -5.64
N PRO A 15 2.67 -8.28 -5.93
CA PRO A 15 3.48 -7.09 -5.74
C PRO A 15 3.13 -5.98 -6.74
N ILE A 16 2.64 -6.38 -7.90
CA ILE A 16 2.27 -5.43 -8.94
C ILE A 16 0.95 -4.75 -8.60
N GLU A 17 0.05 -5.49 -7.98
CA GLU A 17 -1.25 -4.94 -7.60
C GLU A 17 -1.13 -4.02 -6.38
N TYR A 18 -0.25 -4.41 -5.46
CA TYR A 18 -0.04 -3.63 -4.24
C TYR A 18 0.34 -2.19 -4.58
N GLU A 19 1.21 -2.03 -5.57
CA GLU A 19 1.64 -0.70 -5.98
C GLU A 19 0.45 0.19 -6.33
N HIS A 20 -0.59 -0.42 -6.89
CA HIS A 20 -1.79 0.32 -7.26
C HIS A 20 -2.75 0.40 -6.08
N TYR A 21 -2.65 -0.55 -5.17
CA TYR A 21 -3.51 -0.58 -4.00
C TYR A 21 -3.43 0.73 -3.21
N VAL A 22 -2.29 1.40 -3.33
CA VAL A 22 -2.07 2.66 -2.63
C VAL A 22 -2.69 3.82 -3.40
N LYS A 23 -2.93 3.61 -4.69
CA LYS A 23 -3.52 4.63 -5.54
C LYS A 23 -4.87 5.09 -4.98
N HIS A 24 -5.63 4.15 -4.44
CA HIS A 24 -6.94 4.45 -3.88
C HIS A 24 -6.80 5.15 -2.53
N LEU A 25 -5.78 4.76 -1.77
CA LEU A 25 -5.53 5.34 -0.46
C LEU A 25 -5.45 6.86 -0.54
N PHE A 26 -4.71 7.36 -1.51
CA PHE A 26 -4.55 8.80 -1.70
C PHE A 26 -5.90 9.50 -1.66
N ASP A 27 -6.94 8.80 -2.12
CA ASP A 27 -8.29 9.36 -2.13
C ASP A 27 -8.64 9.98 -0.79
N ILE A 28 -8.43 9.22 0.28
CA ILE A 28 -8.72 9.70 1.62
C ILE A 28 -7.46 10.17 2.33
N GLY A 29 -6.33 9.59 1.96
CA GLY A 29 -5.06 9.96 2.56
C GLY A 29 -4.61 8.98 3.62
N GLU A 30 -5.06 7.72 3.50
CA GLU A 30 -4.71 6.69 4.46
C GLU A 30 -3.19 6.52 4.55
N ILE A 31 -2.59 6.05 3.46
CA ILE A 31 -1.15 5.85 3.41
C ILE A 31 -0.49 6.83 2.45
N THR A 32 0.67 7.35 2.84
CA THR A 32 1.41 8.30 2.03
C THR A 32 2.34 7.58 1.06
N LYS A 33 2.81 8.31 0.04
CA LYS A 33 3.72 7.74 -0.95
C LYS A 33 4.94 7.13 -0.28
N GLU A 34 5.32 7.69 0.87
CA GLU A 34 6.48 7.19 1.61
C GLU A 34 6.42 5.68 1.76
N LEU A 35 5.21 5.16 1.93
CA LEU A 35 5.01 3.73 2.10
C LEU A 35 5.04 3.01 0.75
N TYR A 36 4.26 3.53 -0.20
CA TYR A 36 4.20 2.94 -1.53
C TYR A 36 5.59 2.76 -2.12
N ILE A 37 6.47 3.72 -1.85
CA ILE A 37 7.84 3.66 -2.36
C ILE A 37 8.70 2.77 -1.47
N GLU A 38 8.71 3.06 -0.18
CA GLU A 38 9.50 2.30 0.77
C GLU A 38 9.23 0.80 0.62
N LEU A 39 7.97 0.41 0.80
CA LEU A 39 7.58 -0.99 0.67
C LEU A 39 7.93 -1.54 -0.70
N SER A 40 7.81 -0.69 -1.72
CA SER A 40 8.12 -1.09 -3.09
C SER A 40 9.57 -1.53 -3.22
N SER A 41 10.48 -0.74 -2.66
CA SER A 41 11.90 -1.04 -2.72
C SER A 41 12.24 -2.19 -1.78
N ASP A 42 11.97 -3.41 -2.22
CA ASP A 42 12.25 -4.60 -1.42
C ASP A 42 13.07 -5.61 -2.21
N LEU A 43 13.93 -6.34 -1.52
CA LEU A 43 14.78 -7.34 -2.16
C LEU A 43 13.98 -8.58 -2.54
N MET A 1 -6.57 6.88 8.88
CA MET A 1 -6.79 5.74 9.74
C MET A 1 -6.60 4.42 8.99
N ASN A 2 -6.63 3.32 9.72
CA ASN A 2 -6.46 2.00 9.12
C ASN A 2 -5.19 1.95 8.27
N LYS A 3 -4.06 1.73 8.93
CA LYS A 3 -2.77 1.65 8.25
C LYS A 3 -2.07 0.32 8.54
N GLU A 4 -2.23 -0.16 9.76
CA GLU A 4 -1.61 -1.43 10.16
C GLU A 4 -2.47 -2.61 9.71
N HIS A 5 -3.79 -2.48 9.86
CA HIS A 5 -4.71 -3.53 9.47
C HIS A 5 -4.85 -3.59 7.95
N ILE A 6 -4.95 -2.43 7.32
CA ILE A 6 -5.09 -2.35 5.87
C ILE A 6 -3.94 -3.05 5.17
N LEU A 7 -2.76 -3.04 5.79
CA LEU A 7 -1.58 -3.68 5.23
C LEU A 7 -1.89 -5.11 4.80
N ALA A 8 -2.71 -5.80 5.60
CA ALA A 8 -3.09 -7.17 5.31
C ALA A 8 -3.61 -7.31 3.88
N GLN A 9 -4.26 -6.26 3.39
CA GLN A 9 -4.80 -6.26 2.04
C GLN A 9 -3.69 -6.41 1.01
N LYS A 10 -2.70 -5.52 1.09
CA LYS A 10 -1.58 -5.55 0.16
C LYS A 10 -0.70 -6.77 0.40
N GLU A 11 -0.94 -7.47 1.51
CA GLU A 11 -0.17 -8.65 1.86
C GLU A 11 -0.84 -9.91 1.32
N VAL A 12 -2.16 -9.83 1.10
CA VAL A 12 -2.91 -10.96 0.58
C VAL A 12 -3.01 -10.91 -0.93
N LEU A 13 -2.12 -10.13 -1.55
CA LEU A 13 -2.11 -9.99 -3.00
C LEU A 13 -0.69 -10.00 -3.54
N THR A 14 -0.55 -10.09 -4.87
CA THR A 14 0.76 -10.11 -5.50
C THR A 14 1.49 -8.78 -5.30
N PRO A 15 2.81 -8.79 -5.53
CA PRO A 15 3.64 -7.59 -5.38
C PRO A 15 3.37 -6.55 -6.46
N ILE A 16 2.99 -7.03 -7.64
CA ILE A 16 2.70 -6.14 -8.76
C ILE A 16 1.37 -5.41 -8.56
N GLU A 17 0.43 -6.10 -7.92
CA GLU A 17 -0.89 -5.53 -7.66
C GLU A 17 -0.84 -4.56 -6.48
N TYR A 18 -0.02 -4.89 -5.48
CA TYR A 18 0.13 -4.05 -4.30
C TYR A 18 0.53 -2.64 -4.69
N GLU A 19 1.40 -2.53 -5.69
CA GLU A 19 1.88 -1.23 -6.15
C GLU A 19 0.72 -0.32 -6.50
N HIS A 20 -0.35 -0.90 -7.04
CA HIS A 20 -1.54 -0.15 -7.42
C HIS A 20 -2.49 0.00 -6.24
N TYR A 21 -2.42 -0.94 -5.31
CA TYR A 21 -3.28 -0.92 -4.13
C TYR A 21 -3.14 0.40 -3.38
N VAL A 22 -1.95 0.98 -3.43
CA VAL A 22 -1.69 2.25 -2.77
C VAL A 22 -2.08 3.44 -3.64
N LYS A 23 -2.13 3.20 -4.95
CA LYS A 23 -2.49 4.24 -5.90
C LYS A 23 -3.91 4.73 -5.67
N HIS A 24 -4.80 3.81 -5.30
CA HIS A 24 -6.19 4.16 -5.02
C HIS A 24 -6.33 4.85 -3.68
N LEU A 25 -5.51 4.45 -2.72
CA LEU A 25 -5.55 5.02 -1.38
C LEU A 25 -5.44 6.54 -1.45
N PHE A 26 -4.49 7.03 -2.25
CA PHE A 26 -4.29 8.46 -2.41
C PHE A 26 -5.61 9.19 -2.63
N ASP A 27 -6.56 8.50 -3.27
CA ASP A 27 -7.87 9.08 -3.53
C ASP A 27 -8.45 9.71 -2.28
N ILE A 28 -8.46 8.95 -1.18
CA ILE A 28 -8.99 9.45 0.08
C ILE A 28 -7.87 9.90 1.01
N GLY A 29 -6.69 9.29 0.85
CA GLY A 29 -5.56 9.64 1.68
C GLY A 29 -5.32 8.65 2.79
N GLU A 30 -5.75 7.41 2.59
CA GLU A 30 -5.58 6.36 3.58
C GLU A 30 -4.11 6.17 3.92
N ILE A 31 -3.34 5.71 2.96
CA ILE A 31 -1.91 5.49 3.16
C ILE A 31 -1.08 6.48 2.36
N THR A 32 0.05 6.90 2.93
CA THR A 32 0.94 7.86 2.28
C THR A 32 2.00 7.14 1.46
N LYS A 33 2.65 7.88 0.56
CA LYS A 33 3.69 7.32 -0.29
C LYS A 33 4.78 6.66 0.56
N GLU A 34 5.00 7.20 1.75
CA GLU A 34 6.01 6.66 2.65
C GLU A 34 5.91 5.15 2.76
N LEU A 35 4.68 4.64 2.71
CA LEU A 35 4.44 3.20 2.80
C LEU A 35 4.65 2.53 1.44
N TYR A 36 4.05 3.10 0.41
CA TYR A 36 4.17 2.57 -0.94
C TYR A 36 5.62 2.35 -1.31
N ILE A 37 6.49 3.24 -0.85
CA ILE A 37 7.91 3.14 -1.14
C ILE A 37 8.60 2.16 -0.19
N GLU A 38 8.42 2.38 1.11
CA GLU A 38 9.03 1.51 2.12
C GLU A 38 8.68 0.05 1.85
N LEU A 39 7.39 -0.25 1.81
CA LEU A 39 6.94 -1.62 1.56
C LEU A 39 7.53 -2.16 0.26
N SER A 40 7.67 -1.29 -0.73
CA SER A 40 8.23 -1.69 -2.02
C SER A 40 9.75 -1.54 -2.02
N SER A 41 10.44 -2.59 -1.57
CA SER A 41 11.90 -2.57 -1.53
C SER A 41 12.49 -3.60 -2.48
N ASP A 42 12.09 -3.51 -3.74
CA ASP A 42 12.58 -4.44 -4.76
C ASP A 42 13.26 -3.68 -5.90
N LEU A 43 14.56 -3.91 -6.06
CA LEU A 43 15.33 -3.25 -7.11
C LEU A 43 16.44 -4.16 -7.62
N MET A 1 -8.63 5.78 9.10
CA MET A 1 -9.71 4.80 9.27
C MET A 1 -9.13 3.40 9.43
N ASN A 2 -8.20 3.04 8.54
CA ASN A 2 -7.59 1.71 8.60
C ASN A 2 -6.18 1.76 7.98
N LYS A 3 -5.18 1.91 8.84
CA LYS A 3 -3.79 1.97 8.38
C LYS A 3 -3.02 0.74 8.84
N GLU A 4 -3.34 0.26 10.04
CA GLU A 4 -2.68 -0.92 10.60
C GLU A 4 -3.30 -2.20 10.06
N HIS A 5 -4.62 -2.21 9.95
CA HIS A 5 -5.34 -3.37 9.45
C HIS A 5 -5.17 -3.51 7.94
N ILE A 6 -5.26 -2.39 7.23
CA ILE A 6 -5.10 -2.38 5.79
C ILE A 6 -3.77 -2.98 5.36
N LEU A 7 -2.76 -2.81 6.22
CA LEU A 7 -1.43 -3.33 5.94
C LEU A 7 -1.48 -4.83 5.64
N ALA A 8 -2.46 -5.50 6.22
CA ALA A 8 -2.62 -6.94 6.02
C ALA A 8 -3.19 -7.24 4.63
N GLN A 9 -4.03 -6.33 4.14
CA GLN A 9 -4.64 -6.50 2.83
C GLN A 9 -3.58 -6.52 1.73
N LYS A 10 -2.78 -5.46 1.66
CA LYS A 10 -1.73 -5.37 0.66
C LYS A 10 -0.79 -6.57 0.72
N GLU A 11 -0.73 -7.20 1.90
CA GLU A 11 0.12 -8.37 2.09
C GLU A 11 -0.41 -9.56 1.31
N VAL A 12 -1.72 -9.59 1.09
CA VAL A 12 -2.35 -10.68 0.35
C VAL A 12 -2.07 -10.55 -1.14
N LEU A 13 -2.54 -9.46 -1.74
CA LEU A 13 -2.34 -9.23 -3.17
C LEU A 13 -0.86 -9.38 -3.54
N THR A 14 -0.61 -9.80 -4.78
CA THR A 14 0.75 -9.98 -5.26
C THR A 14 1.59 -8.73 -5.01
N PRO A 15 2.92 -8.88 -5.12
CA PRO A 15 3.86 -7.77 -4.90
C PRO A 15 3.80 -6.73 -6.03
N ILE A 16 3.28 -7.15 -7.18
CA ILE A 16 3.16 -6.25 -8.32
C ILE A 16 1.83 -5.51 -8.30
N GLU A 17 0.81 -6.16 -7.77
CA GLU A 17 -0.53 -5.55 -7.68
C GLU A 17 -0.62 -4.64 -6.47
N TYR A 18 0.02 -5.03 -5.38
CA TYR A 18 0.01 -4.24 -4.15
C TYR A 18 0.47 -2.81 -4.41
N GLU A 19 1.48 -2.67 -5.27
CA GLU A 19 2.01 -1.35 -5.60
C GLU A 19 0.90 -0.41 -6.05
N HIS A 20 -0.14 -0.98 -6.64
CA HIS A 20 -1.26 -0.19 -7.12
C HIS A 20 -2.30 0.00 -6.02
N TYR A 21 -2.34 -0.94 -5.08
CA TYR A 21 -3.29 -0.88 -3.97
C TYR A 21 -3.15 0.44 -3.22
N VAL A 22 -1.95 1.01 -3.24
CA VAL A 22 -1.68 2.27 -2.56
C VAL A 22 -2.15 3.46 -3.41
N LYS A 23 -2.30 3.23 -4.70
CA LYS A 23 -2.75 4.28 -5.62
C LYS A 23 -4.13 4.77 -5.25
N HIS A 24 -5.05 3.84 -5.02
CA HIS A 24 -6.42 4.17 -4.65
C HIS A 24 -6.47 4.87 -3.29
N LEU A 25 -5.62 4.41 -2.37
CA LEU A 25 -5.57 4.99 -1.03
C LEU A 25 -5.39 6.50 -1.10
N PHE A 26 -4.48 6.95 -1.95
CA PHE A 26 -4.22 8.38 -2.10
C PHE A 26 -5.52 9.16 -2.24
N ASP A 27 -6.52 8.53 -2.87
CA ASP A 27 -7.82 9.15 -3.07
C ASP A 27 -8.34 9.76 -1.76
N ILE A 28 -8.13 9.04 -0.66
CA ILE A 28 -8.58 9.50 0.64
C ILE A 28 -7.40 9.95 1.50
N GLY A 29 -6.23 9.36 1.25
CA GLY A 29 -5.05 9.72 2.01
C GLY A 29 -4.80 8.78 3.18
N GLU A 30 -5.28 7.54 3.06
CA GLU A 30 -5.12 6.56 4.12
C GLU A 30 -3.64 6.37 4.45
N ILE A 31 -2.87 5.88 3.48
CA ILE A 31 -1.45 5.65 3.67
C ILE A 31 -0.61 6.63 2.85
N THR A 32 0.53 7.03 3.40
CA THR A 32 1.42 7.96 2.72
C THR A 32 2.34 7.24 1.75
N LYS A 33 2.75 7.93 0.68
CA LYS A 33 3.63 7.35 -0.31
C LYS A 33 4.85 6.71 0.35
N GLU A 34 5.26 7.28 1.47
CA GLU A 34 6.42 6.76 2.20
C GLU A 34 6.33 5.24 2.37
N LEU A 35 5.11 4.75 2.57
CA LEU A 35 4.89 3.32 2.74
C LEU A 35 5.00 2.59 1.40
N TYR A 36 4.28 3.09 0.40
CA TYR A 36 4.30 2.48 -0.93
C TYR A 36 5.73 2.37 -1.46
N ILE A 37 6.55 3.36 -1.13
CA ILE A 37 7.94 3.36 -1.57
C ILE A 37 8.80 2.46 -0.70
N GLU A 38 8.71 2.64 0.61
CA GLU A 38 9.48 1.84 1.56
C GLU A 38 9.19 0.35 1.37
N LEU A 39 7.92 -0.01 1.52
CA LEU A 39 7.51 -1.41 1.37
C LEU A 39 7.95 -1.96 0.02
N SER A 40 7.88 -1.11 -1.01
CA SER A 40 8.27 -1.52 -2.35
C SER A 40 9.70 -1.12 -2.65
N SER A 41 10.65 -1.92 -2.18
CA SER A 41 12.07 -1.64 -2.40
C SER A 41 12.62 -2.49 -3.54
N ASP A 42 11.96 -2.44 -4.68
CA ASP A 42 12.39 -3.21 -5.85
C ASP A 42 13.08 -2.30 -6.87
N LEU A 43 13.57 -2.90 -7.95
CA LEU A 43 14.25 -2.15 -9.00
C LEU A 43 13.68 -2.48 -10.36
N MET A 1 -8.18 6.24 9.60
CA MET A 1 -9.22 5.25 9.74
C MET A 1 -8.63 3.85 9.86
N ASN A 2 -7.80 3.48 8.87
CA ASN A 2 -7.17 2.16 8.87
C ASN A 2 -5.88 2.19 8.05
N LYS A 3 -4.75 2.15 8.76
CA LYS A 3 -3.45 2.17 8.09
C LYS A 3 -2.67 0.89 8.40
N GLU A 4 -2.83 0.39 9.62
CA GLU A 4 -2.14 -0.84 10.03
C GLU A 4 -2.89 -2.08 9.55
N HIS A 5 -4.21 -2.01 9.58
CA HIS A 5 -5.06 -3.12 9.14
C HIS A 5 -5.08 -3.22 7.62
N ILE A 6 -5.23 -2.08 6.96
CA ILE A 6 -5.27 -2.03 5.51
C ILE A 6 -4.01 -2.66 4.90
N LEU A 7 -2.89 -2.49 5.59
CA LEU A 7 -1.62 -3.04 5.13
C LEU A 7 -1.69 -4.56 5.02
N ALA A 8 -2.43 -5.17 5.93
CA ALA A 8 -2.59 -6.63 5.94
C ALA A 8 -3.02 -7.14 4.57
N GLN A 9 -3.73 -6.31 3.82
CA GLN A 9 -4.20 -6.68 2.49
C GLN A 9 -3.04 -6.75 1.50
N LYS A 10 -2.33 -5.63 1.36
CA LYS A 10 -1.20 -5.55 0.44
C LYS A 10 -0.17 -6.63 0.78
N GLU A 11 -0.21 -7.12 2.01
CA GLU A 11 0.73 -8.15 2.45
C GLU A 11 0.45 -9.48 1.76
N VAL A 12 -0.80 -9.65 1.31
CA VAL A 12 -1.21 -10.88 0.64
C VAL A 12 -1.22 -10.68 -0.87
N LEU A 13 -1.80 -9.56 -1.31
CA LEU A 13 -1.89 -9.26 -2.74
C LEU A 13 -0.53 -9.40 -3.41
N THR A 14 -0.53 -9.58 -4.73
CA THR A 14 0.70 -9.73 -5.49
C THR A 14 1.55 -8.47 -5.40
N PRO A 15 2.85 -8.59 -5.74
CA PRO A 15 3.80 -7.47 -5.72
C PRO A 15 3.50 -6.45 -6.79
N ILE A 16 2.92 -6.89 -7.90
CA ILE A 16 2.59 -6.00 -9.01
C ILE A 16 1.25 -5.32 -8.78
N GLU A 17 0.34 -6.02 -8.12
CA GLU A 17 -0.98 -5.48 -7.83
C GLU A 17 -0.95 -4.53 -6.64
N TYR A 18 -0.10 -4.84 -5.67
CA TYR A 18 0.04 -4.02 -4.47
C TYR A 18 0.46 -2.60 -4.84
N GLU A 19 1.35 -2.49 -5.82
CA GLU A 19 1.84 -1.19 -6.26
C GLU A 19 0.67 -0.25 -6.57
N HIS A 20 -0.43 -0.82 -7.07
CA HIS A 20 -1.61 -0.03 -7.40
C HIS A 20 -2.52 0.13 -6.18
N TYR A 21 -2.47 -0.85 -5.28
CA TYR A 21 -3.29 -0.82 -4.08
C TYR A 21 -3.09 0.48 -3.32
N VAL A 22 -1.87 1.01 -3.37
CA VAL A 22 -1.55 2.25 -2.69
C VAL A 22 -1.97 3.47 -3.52
N LYS A 23 -2.11 3.26 -4.82
CA LYS A 23 -2.50 4.33 -5.73
C LYS A 23 -3.92 4.82 -5.41
N HIS A 24 -4.78 3.89 -5.02
CA HIS A 24 -6.17 4.22 -4.68
C HIS A 24 -6.24 4.90 -3.32
N LEU A 25 -5.36 4.51 -2.42
CA LEU A 25 -5.32 5.08 -1.08
C LEU A 25 -5.20 6.60 -1.13
N PHE A 26 -4.23 7.08 -1.92
CA PHE A 26 -4.02 8.52 -2.06
C PHE A 26 -5.33 9.26 -2.27
N ASP A 27 -6.27 8.60 -2.94
CA ASP A 27 -7.57 9.18 -3.21
C ASP A 27 -8.18 9.79 -1.95
N ILE A 28 -8.19 9.00 -0.87
CA ILE A 28 -8.74 9.47 0.40
C ILE A 28 -7.62 9.92 1.34
N GLY A 29 -6.43 9.34 1.16
CA GLY A 29 -5.31 9.70 2.00
C GLY A 29 -5.10 8.73 3.14
N GLU A 30 -5.47 7.47 2.92
CA GLU A 30 -5.32 6.43 3.93
C GLU A 30 -3.84 6.17 4.23
N ILE A 31 -3.12 5.70 3.23
CA ILE A 31 -1.70 5.41 3.38
C ILE A 31 -0.85 6.39 2.57
N THR A 32 0.31 6.73 3.12
CA THR A 32 1.22 7.65 2.46
C THR A 32 2.21 6.92 1.58
N LYS A 33 2.88 7.65 0.69
CA LYS A 33 3.87 7.07 -0.21
C LYS A 33 4.98 6.39 0.57
N GLU A 34 5.27 6.91 1.76
CA GLU A 34 6.32 6.36 2.60
C GLU A 34 6.16 4.85 2.75
N LEU A 35 4.91 4.40 2.81
CA LEU A 35 4.61 2.98 2.96
C LEU A 35 4.78 2.25 1.63
N TYR A 36 4.30 2.87 0.55
CA TYR A 36 4.40 2.27 -0.77
C TYR A 36 5.86 2.08 -1.18
N ILE A 37 6.70 3.03 -0.79
CA ILE A 37 8.12 2.96 -1.12
C ILE A 37 8.86 2.03 -0.16
N GLU A 38 8.50 2.09 1.13
CA GLU A 38 9.13 1.25 2.13
C GLU A 38 8.81 -0.23 1.88
N LEU A 39 7.53 -0.56 1.86
CA LEU A 39 7.10 -1.93 1.63
C LEU A 39 7.72 -2.49 0.36
N SER A 40 7.85 -1.63 -0.66
CA SER A 40 8.42 -2.04 -1.93
C SER A 40 9.95 -2.05 -1.87
N SER A 41 10.50 -2.96 -1.09
CA SER A 41 11.95 -3.07 -0.93
C SER A 41 12.52 -4.07 -1.91
N ASP A 42 12.29 -3.83 -3.21
CA ASP A 42 12.79 -4.71 -4.25
C ASP A 42 13.77 -3.98 -5.17
N LEU A 43 13.35 -2.82 -5.65
CA LEU A 43 14.19 -2.01 -6.53
C LEU A 43 14.51 -0.66 -5.91
N MET A 1 -9.62 2.46 12.71
CA MET A 1 -8.73 1.48 12.11
C MET A 1 -8.98 1.37 10.61
N ASN A 2 -8.14 2.03 9.81
CA ASN A 2 -8.28 2.00 8.37
C ASN A 2 -6.94 1.72 7.69
N LYS A 3 -5.99 2.64 7.88
CA LYS A 3 -4.66 2.49 7.30
C LYS A 3 -4.07 1.13 7.64
N GLU A 4 -4.23 0.70 8.89
CA GLU A 4 -3.71 -0.58 9.34
C GLU A 4 -4.53 -1.73 8.76
N HIS A 5 -5.84 -1.51 8.65
CA HIS A 5 -6.74 -2.53 8.12
C HIS A 5 -6.37 -2.88 6.68
N ILE A 6 -6.39 -1.89 5.80
CA ILE A 6 -6.06 -2.09 4.39
C ILE A 6 -4.65 -2.64 4.24
N LEU A 7 -3.76 -2.23 5.14
CA LEU A 7 -2.37 -2.68 5.10
C LEU A 7 -2.30 -4.21 5.00
N ALA A 8 -2.99 -4.88 5.92
CA ALA A 8 -3.01 -6.35 5.94
C ALA A 8 -3.36 -6.90 4.56
N GLN A 9 -4.16 -6.15 3.80
CA GLN A 9 -4.57 -6.57 2.47
C GLN A 9 -3.37 -6.63 1.53
N LYS A 10 -2.55 -5.59 1.55
CA LYS A 10 -1.37 -5.52 0.70
C LYS A 10 -0.37 -6.60 1.08
N GLU A 11 -0.57 -7.21 2.24
CA GLU A 11 0.32 -8.27 2.72
C GLU A 11 -0.24 -9.65 2.40
N VAL A 12 -1.35 -9.68 1.66
CA VAL A 12 -1.99 -10.93 1.29
C VAL A 12 -2.36 -10.94 -0.19
N LEU A 13 -1.66 -10.13 -0.98
CA LEU A 13 -1.92 -10.05 -2.41
C LEU A 13 -0.61 -9.99 -3.20
N THR A 14 -0.66 -10.38 -4.47
CA THR A 14 0.51 -10.38 -5.33
C THR A 14 1.21 -9.02 -5.29
N PRO A 15 2.48 -9.00 -5.72
CA PRO A 15 3.29 -7.78 -5.75
C PRO A 15 2.81 -6.79 -6.80
N ILE A 16 2.20 -7.30 -7.85
CA ILE A 16 1.70 -6.46 -8.93
C ILE A 16 0.44 -5.71 -8.50
N GLU A 17 -0.37 -6.36 -7.67
CA GLU A 17 -1.61 -5.75 -7.18
C GLU A 17 -1.32 -4.73 -6.09
N TYR A 18 -0.37 -5.05 -5.22
CA TYR A 18 0.01 -4.17 -4.13
C TYR A 18 0.40 -2.79 -4.65
N GLU A 19 1.03 -2.77 -5.83
CA GLU A 19 1.46 -1.52 -6.44
C GLU A 19 0.28 -0.56 -6.60
N HIS A 20 -0.89 -1.12 -6.88
CA HIS A 20 -2.10 -0.31 -7.06
C HIS A 20 -2.80 -0.08 -5.72
N TYR A 21 -2.61 -1.01 -4.79
CA TYR A 21 -3.23 -0.91 -3.47
C TYR A 21 -2.94 0.44 -2.83
N VAL A 22 -1.75 0.98 -3.10
CA VAL A 22 -1.36 2.27 -2.56
C VAL A 22 -1.84 3.41 -3.45
N LYS A 23 -2.11 3.10 -4.71
CA LYS A 23 -2.59 4.09 -5.66
C LYS A 23 -3.97 4.60 -5.28
N HIS A 24 -4.84 3.68 -4.84
CA HIS A 24 -6.19 4.04 -4.44
C HIS A 24 -6.18 4.78 -3.11
N LEU A 25 -5.25 4.42 -2.24
CA LEU A 25 -5.13 5.06 -0.93
C LEU A 25 -5.03 6.57 -1.07
N PHE A 26 -4.12 7.02 -1.93
CA PHE A 26 -3.92 8.45 -2.15
C PHE A 26 -5.25 9.17 -2.31
N ASP A 27 -6.22 8.48 -2.89
CA ASP A 27 -7.54 9.05 -3.11
C ASP A 27 -8.08 9.67 -1.82
N ILE A 28 -8.03 8.91 -0.73
CA ILE A 28 -8.50 9.39 0.56
C ILE A 28 -7.36 9.93 1.40
N GLY A 29 -6.16 9.39 1.17
CA GLY A 29 -4.99 9.83 1.92
C GLY A 29 -4.68 8.91 3.08
N GLU A 30 -5.02 7.64 2.94
CA GLU A 30 -4.77 6.65 3.99
C GLU A 30 -3.27 6.43 4.17
N ILE A 31 -2.62 5.91 3.14
CA ILE A 31 -1.19 5.65 3.19
C ILE A 31 -0.43 6.59 2.27
N THR A 32 0.74 7.04 2.72
CA THR A 32 1.57 7.94 1.93
C THR A 32 2.59 7.17 1.11
N LYS A 33 3.23 7.86 0.17
CA LYS A 33 4.25 7.24 -0.67
C LYS A 33 5.36 6.63 0.17
N GLU A 34 5.61 7.22 1.33
CA GLU A 34 6.65 6.74 2.23
C GLU A 34 6.55 5.22 2.42
N LEU A 35 5.32 4.72 2.43
CA LEU A 35 5.07 3.29 2.61
C LEU A 35 5.25 2.55 1.28
N TYR A 36 4.63 3.08 0.23
CA TYR A 36 4.70 2.46 -1.09
C TYR A 36 6.15 2.21 -1.48
N ILE A 37 7.03 3.15 -1.14
CA ILE A 37 8.45 3.03 -1.45
C ILE A 37 9.15 2.08 -0.48
N GLU A 38 9.00 2.34 0.80
CA GLU A 38 9.62 1.50 1.83
C GLU A 38 9.26 0.03 1.61
N LEU A 39 7.97 -0.27 1.61
CA LEU A 39 7.49 -1.64 1.42
C LEU A 39 8.08 -2.24 0.15
N SER A 40 8.04 -1.47 -0.94
CA SER A 40 8.56 -1.92 -2.22
C SER A 40 10.02 -2.36 -2.09
N SER A 41 10.90 -1.39 -1.96
CA SER A 41 12.33 -1.66 -1.83
C SER A 41 12.84 -2.47 -3.02
N ASP A 42 12.49 -2.03 -4.23
CA ASP A 42 12.90 -2.72 -5.45
C ASP A 42 13.73 -1.79 -6.33
N LEU A 43 14.91 -2.26 -6.74
CA LEU A 43 15.79 -1.47 -7.59
C LEU A 43 15.47 -1.69 -9.07
N MET A 1 -7.99 7.10 9.43
CA MET A 1 -8.74 6.15 10.25
C MET A 1 -8.04 4.80 10.30
N ASN A 2 -7.88 4.17 9.14
CA ASN A 2 -7.23 2.88 9.06
C ASN A 2 -5.87 2.99 8.39
N LYS A 3 -5.01 2.01 8.62
CA LYS A 3 -3.66 2.00 8.04
C LYS A 3 -2.90 0.75 8.46
N GLU A 4 -3.12 0.32 9.70
CA GLU A 4 -2.44 -0.87 10.22
C GLU A 4 -3.15 -2.14 9.78
N HIS A 5 -4.48 -2.08 9.72
CA HIS A 5 -5.29 -3.24 9.31
C HIS A 5 -5.22 -3.43 7.79
N ILE A 6 -5.35 -2.33 7.07
CA ILE A 6 -5.31 -2.37 5.61
C ILE A 6 -4.02 -3.01 5.12
N LEU A 7 -2.93 -2.77 5.84
CA LEU A 7 -1.63 -3.32 5.49
C LEU A 7 -1.71 -4.84 5.33
N ALA A 8 -2.60 -5.47 6.09
CA ALA A 8 -2.79 -6.91 6.03
C ALA A 8 -3.23 -7.36 4.63
N GLN A 9 -4.03 -6.51 3.98
CA GLN A 9 -4.53 -6.82 2.64
C GLN A 9 -3.39 -6.86 1.63
N LYS A 10 -2.67 -5.75 1.52
CA LYS A 10 -1.55 -5.66 0.58
C LYS A 10 -0.54 -6.77 0.84
N GLU A 11 -0.52 -7.28 2.07
CA GLU A 11 0.40 -8.34 2.44
C GLU A 11 0.04 -9.64 1.75
N VAL A 12 -1.23 -9.77 1.38
CA VAL A 12 -1.71 -10.98 0.70
C VAL A 12 -1.72 -10.79 -0.81
N LEU A 13 -2.24 -9.66 -1.27
CA LEU A 13 -2.31 -9.36 -2.69
C LEU A 13 -0.95 -9.54 -3.35
N THR A 14 -0.96 -9.78 -4.65
CA THR A 14 0.28 -9.98 -5.41
C THR A 14 1.20 -8.79 -5.26
N PRO A 15 2.49 -9.00 -5.58
CA PRO A 15 3.51 -7.95 -5.48
C PRO A 15 3.33 -6.86 -6.54
N ILE A 16 2.74 -7.24 -7.67
CA ILE A 16 2.49 -6.30 -8.76
C ILE A 16 1.19 -5.54 -8.55
N GLU A 17 0.21 -6.22 -7.96
CA GLU A 17 -1.09 -5.60 -7.71
C GLU A 17 -1.03 -4.69 -6.48
N TYR A 18 -0.24 -5.09 -5.50
CA TYR A 18 -0.09 -4.29 -4.27
C TYR A 18 0.42 -2.89 -4.59
N GLU A 19 1.38 -2.81 -5.50
CA GLU A 19 1.95 -1.53 -5.89
C GLU A 19 0.86 -0.54 -6.29
N HIS A 20 -0.22 -1.06 -6.86
CA HIS A 20 -1.34 -0.22 -7.27
C HIS A 20 -2.33 -0.01 -6.13
N TYR A 21 -2.38 -0.98 -5.22
CA TYR A 21 -3.28 -0.91 -4.08
C TYR A 21 -3.07 0.39 -3.30
N VAL A 22 -1.84 0.89 -3.32
CA VAL A 22 -1.51 2.12 -2.62
C VAL A 22 -1.89 3.34 -3.44
N LYS A 23 -2.03 3.15 -4.75
CA LYS A 23 -2.40 4.23 -5.65
C LYS A 23 -3.79 4.77 -5.33
N HIS A 24 -4.68 3.87 -4.93
CA HIS A 24 -6.05 4.25 -4.60
C HIS A 24 -6.09 4.93 -3.23
N LEU A 25 -5.24 4.48 -2.32
CA LEU A 25 -5.18 5.06 -0.98
C LEU A 25 -5.02 6.57 -1.04
N PHE A 26 -4.05 7.03 -1.83
CA PHE A 26 -3.79 8.45 -1.97
C PHE A 26 -5.10 9.22 -2.14
N ASP A 27 -6.07 8.60 -2.80
CA ASP A 27 -7.37 9.24 -3.03
C ASP A 27 -7.94 9.79 -1.73
N ILE A 28 -7.96 8.95 -0.69
CA ILE A 28 -8.48 9.35 0.61
C ILE A 28 -7.36 9.83 1.52
N GLY A 29 -6.16 9.31 1.30
CA GLY A 29 -5.02 9.69 2.11
C GLY A 29 -4.75 8.71 3.24
N GLU A 30 -5.10 7.45 3.01
CA GLU A 30 -4.88 6.41 4.01
C GLU A 30 -3.40 6.17 4.24
N ILE A 31 -2.72 5.66 3.22
CA ILE A 31 -1.29 5.37 3.31
C ILE A 31 -0.49 6.31 2.41
N THR A 32 0.68 6.71 2.89
CA THR A 32 1.54 7.61 2.12
C THR A 32 2.64 6.83 1.40
N LYS A 33 3.32 7.51 0.47
CA LYS A 33 4.39 6.88 -0.29
C LYS A 33 5.43 6.26 0.63
N GLU A 34 5.59 6.85 1.81
CA GLU A 34 6.56 6.35 2.78
C GLU A 34 6.40 4.84 2.99
N LEU A 35 5.17 4.36 2.90
CA LEU A 35 4.88 2.94 3.07
C LEU A 35 5.03 2.20 1.74
N TYR A 36 4.39 2.72 0.71
CA TYR A 36 4.44 2.10 -0.61
C TYR A 36 5.89 1.83 -1.03
N ILE A 37 6.76 2.80 -0.78
CA ILE A 37 8.17 2.67 -1.13
C ILE A 37 8.89 1.76 -0.14
N GLU A 38 8.74 2.05 1.15
CA GLU A 38 9.38 1.26 2.19
C GLU A 38 9.09 -0.22 2.00
N LEU A 39 7.80 -0.56 2.00
CA LEU A 39 7.38 -1.95 1.83
C LEU A 39 7.99 -2.55 0.57
N SER A 40 7.92 -1.81 -0.53
CA SER A 40 8.47 -2.27 -1.80
C SER A 40 9.96 -2.54 -1.68
N SER A 41 10.74 -1.47 -1.62
CA SER A 41 12.19 -1.58 -1.52
C SER A 41 12.76 -2.36 -2.69
N ASP A 42 12.17 -2.17 -3.88
CA ASP A 42 12.62 -2.86 -5.08
C ASP A 42 13.48 -1.94 -5.93
N LEU A 43 13.13 -0.66 -5.96
CA LEU A 43 13.87 0.33 -6.75
C LEU A 43 14.64 1.27 -5.84
N MET A 1 -6.82 2.50 15.21
CA MET A 1 -6.90 1.81 13.92
C MET A 1 -6.95 2.83 12.77
N ASN A 2 -5.85 2.94 12.04
CA ASN A 2 -5.78 3.87 10.92
C ASN A 2 -5.44 3.13 9.62
N LYS A 3 -4.40 2.30 9.68
CA LYS A 3 -3.96 1.53 8.51
C LYS A 3 -3.33 0.21 8.93
N GLU A 4 -3.81 -0.34 10.04
CA GLU A 4 -3.29 -1.61 10.55
C GLU A 4 -3.96 -2.79 9.85
N HIS A 5 -5.26 -2.66 9.59
CA HIS A 5 -6.01 -3.71 8.93
C HIS A 5 -5.79 -3.67 7.41
N ILE A 6 -5.75 -2.47 6.86
CA ILE A 6 -5.54 -2.29 5.43
C ILE A 6 -4.26 -2.98 4.97
N LEU A 7 -3.28 -3.03 5.85
CA LEU A 7 -1.99 -3.67 5.55
C LEU A 7 -2.20 -5.10 5.08
N ALA A 8 -3.14 -5.79 5.70
CA ALA A 8 -3.45 -7.17 5.33
C ALA A 8 -3.90 -7.27 3.88
N GLN A 9 -4.61 -6.24 3.41
CA GLN A 9 -5.10 -6.21 2.04
C GLN A 9 -3.95 -6.31 1.05
N LYS A 10 -3.00 -5.39 1.15
CA LYS A 10 -1.85 -5.38 0.25
C LYS A 10 -0.93 -6.56 0.54
N GLU A 11 -1.18 -7.25 1.64
CA GLU A 11 -0.37 -8.40 2.02
C GLU A 11 -0.98 -9.69 1.47
N VAL A 12 -2.28 -9.66 1.23
CA VAL A 12 -2.99 -10.83 0.70
C VAL A 12 -3.04 -10.80 -0.82
N LEU A 13 -2.17 -9.99 -1.41
CA LEU A 13 -2.12 -9.87 -2.87
C LEU A 13 -0.68 -9.82 -3.36
N THR A 14 -0.47 -10.20 -4.62
CA THR A 14 0.87 -10.20 -5.21
C THR A 14 1.56 -8.86 -5.00
N PRO A 15 2.89 -8.85 -5.16
CA PRO A 15 3.70 -7.65 -5.00
C PRO A 15 3.46 -6.62 -6.11
N ILE A 16 3.11 -7.13 -7.29
CA ILE A 16 2.85 -6.25 -8.44
C ILE A 16 1.51 -5.52 -8.28
N GLU A 17 0.55 -6.19 -7.65
CA GLU A 17 -0.76 -5.60 -7.44
C GLU A 17 -0.73 -4.60 -6.28
N TYR A 18 0.05 -4.92 -5.25
CA TYR A 18 0.17 -4.06 -4.08
C TYR A 18 0.62 -2.66 -4.48
N GLU A 19 1.51 -2.58 -5.46
CA GLU A 19 2.02 -1.30 -5.94
C GLU A 19 0.87 -0.41 -6.41
N HIS A 20 -0.15 -1.02 -7.00
CA HIS A 20 -1.30 -0.27 -7.49
C HIS A 20 -2.35 -0.10 -6.39
N TYR A 21 -2.23 -0.90 -5.34
CA TYR A 21 -3.17 -0.84 -4.23
C TYR A 21 -3.05 0.50 -3.50
N VAL A 22 -1.85 1.07 -3.52
CA VAL A 22 -1.60 2.35 -2.86
C VAL A 22 -2.01 3.52 -3.75
N LYS A 23 -2.09 3.25 -5.06
CA LYS A 23 -2.47 4.28 -6.02
C LYS A 23 -3.88 4.77 -5.74
N HIS A 24 -4.78 3.85 -5.40
CA HIS A 24 -6.17 4.19 -5.11
C HIS A 24 -6.28 4.91 -3.77
N LEU A 25 -5.45 4.50 -2.82
CA LEU A 25 -5.46 5.10 -1.48
C LEU A 25 -5.35 6.62 -1.57
N PHE A 26 -4.41 7.09 -2.39
CA PHE A 26 -4.21 8.52 -2.56
C PHE A 26 -5.54 9.25 -2.78
N ASP A 27 -6.48 8.56 -3.41
CA ASP A 27 -7.79 9.14 -3.67
C ASP A 27 -8.39 9.75 -2.41
N ILE A 28 -8.39 8.97 -1.32
CA ILE A 28 -8.92 9.44 -0.05
C ILE A 28 -7.81 9.95 0.86
N GLY A 29 -6.61 9.41 0.67
CA GLY A 29 -5.48 9.82 1.48
C GLY A 29 -5.22 8.87 2.64
N GLU A 30 -5.59 7.61 2.47
CA GLU A 30 -5.39 6.61 3.51
C GLU A 30 -3.91 6.38 3.79
N ILE A 31 -3.20 5.89 2.78
CA ILE A 31 -1.77 5.63 2.91
C ILE A 31 -0.95 6.59 2.07
N THR A 32 0.18 7.03 2.60
CA THR A 32 1.05 7.96 1.90
C THR A 32 2.06 7.21 1.04
N LYS A 33 2.72 7.94 0.14
CA LYS A 33 3.71 7.35 -0.76
C LYS A 33 4.85 6.72 0.03
N GLU A 34 5.15 7.31 1.19
CA GLU A 34 6.22 6.80 2.05
C GLU A 34 6.07 5.30 2.28
N LEU A 35 4.83 4.84 2.37
CA LEU A 35 4.55 3.42 2.59
C LEU A 35 4.71 2.63 1.30
N TYR A 36 4.19 3.18 0.21
CA TYR A 36 4.27 2.52 -1.09
C TYR A 36 5.73 2.34 -1.52
N ILE A 37 6.56 3.32 -1.19
CA ILE A 37 7.97 3.26 -1.54
C ILE A 37 8.75 2.41 -0.54
N GLU A 38 8.38 2.51 0.73
CA GLU A 38 9.04 1.75 1.78
C GLU A 38 8.75 0.26 1.63
N LEU A 39 7.48 -0.09 1.66
CA LEU A 39 7.07 -1.49 1.53
C LEU A 39 7.65 -2.11 0.27
N SER A 40 7.75 -1.32 -0.80
CA SER A 40 8.29 -1.79 -2.06
C SER A 40 9.79 -1.58 -2.12
N SER A 41 10.54 -2.51 -1.54
CA SER A 41 12.00 -2.42 -1.53
C SER A 41 12.61 -3.34 -2.58
N ASP A 42 12.25 -3.12 -3.84
CA ASP A 42 12.76 -3.93 -4.94
C ASP A 42 13.54 -3.07 -5.92
N LEU A 43 14.83 -3.36 -6.05
CA LEU A 43 15.70 -2.62 -6.95
C LEU A 43 16.63 -3.56 -7.71
N MET A 1 -11.94 3.30 10.86
CA MET A 1 -10.65 3.68 10.30
C MET A 1 -9.73 2.47 10.18
N ASN A 2 -8.84 2.50 9.18
CA ASN A 2 -7.91 1.40 8.95
C ASN A 2 -6.54 1.93 8.55
N LYS A 3 -5.50 1.19 8.91
CA LYS A 3 -4.14 1.58 8.58
C LYS A 3 -3.16 0.43 8.82
N GLU A 4 -3.32 -0.25 9.95
CA GLU A 4 -2.46 -1.38 10.30
C GLU A 4 -2.93 -2.66 9.61
N HIS A 5 -4.26 -2.83 9.55
CA HIS A 5 -4.83 -4.00 8.91
C HIS A 5 -4.81 -3.88 7.39
N ILE A 6 -5.13 -2.68 6.91
CA ILE A 6 -5.16 -2.44 5.47
C ILE A 6 -3.81 -2.79 4.83
N LEU A 7 -2.74 -2.58 5.58
CA LEU A 7 -1.40 -2.89 5.08
C LEU A 7 -1.23 -4.38 4.85
N ALA A 8 -1.74 -5.18 5.78
CA ALA A 8 -1.65 -6.64 5.68
C ALA A 8 -2.14 -7.12 4.32
N GLN A 9 -3.10 -6.41 3.74
CA GLN A 9 -3.66 -6.76 2.45
C GLN A 9 -2.56 -6.85 1.39
N LYS A 10 -1.84 -5.75 1.21
CA LYS A 10 -0.75 -5.70 0.22
C LYS A 10 0.33 -6.73 0.57
N GLU A 11 0.32 -7.19 1.81
CA GLU A 11 1.30 -8.17 2.25
C GLU A 11 1.02 -9.55 1.62
N VAL A 12 -0.23 -9.76 1.22
CA VAL A 12 -0.62 -11.02 0.62
C VAL A 12 -0.97 -10.83 -0.86
N LEU A 13 -1.64 -9.72 -1.16
CA LEU A 13 -2.05 -9.42 -2.52
C LEU A 13 -0.87 -9.55 -3.48
N THR A 14 -1.17 -9.73 -4.77
CA THR A 14 -0.14 -9.87 -5.78
C THR A 14 0.77 -8.65 -5.83
N PRO A 15 1.94 -8.81 -6.44
CA PRO A 15 2.92 -7.73 -6.56
C PRO A 15 2.47 -6.63 -7.51
N ILE A 16 1.63 -7.00 -8.48
CA ILE A 16 1.11 -6.05 -9.46
C ILE A 16 -0.06 -5.26 -8.88
N GLU A 17 -0.84 -5.91 -8.02
CA GLU A 17 -1.99 -5.27 -7.40
C GLU A 17 -1.58 -4.42 -6.21
N TYR A 18 -0.54 -4.87 -5.51
CA TYR A 18 -0.03 -4.15 -4.35
C TYR A 18 0.43 -2.75 -4.74
N GLU A 19 0.96 -2.63 -5.95
CA GLU A 19 1.45 -1.34 -6.44
C GLU A 19 0.31 -0.33 -6.53
N HIS A 20 -0.85 -0.79 -6.98
CA HIS A 20 -2.02 0.07 -7.13
C HIS A 20 -2.82 0.13 -5.83
N TYR A 21 -2.60 -0.86 -4.97
CA TYR A 21 -3.31 -0.93 -3.69
C TYR A 21 -3.19 0.39 -2.94
N VAL A 22 -2.07 1.07 -3.12
CA VAL A 22 -1.84 2.35 -2.46
C VAL A 22 -2.28 3.52 -3.35
N LYS A 23 -2.34 3.26 -4.66
CA LYS A 23 -2.75 4.29 -5.61
C LYS A 23 -4.11 4.85 -5.26
N HIS A 24 -5.04 3.97 -4.89
CA HIS A 24 -6.39 4.38 -4.52
C HIS A 24 -6.40 5.08 -3.16
N LEU A 25 -5.55 4.60 -2.25
CA LEU A 25 -5.47 5.17 -0.92
C LEU A 25 -5.28 6.68 -0.99
N PHE A 26 -4.40 7.13 -1.87
CA PHE A 26 -4.13 8.56 -2.03
C PHE A 26 -5.44 9.35 -2.12
N ASP A 27 -6.46 8.73 -2.69
CA ASP A 27 -7.76 9.37 -2.84
C ASP A 27 -8.22 9.98 -1.52
N ILE A 28 -8.16 9.19 -0.46
CA ILE A 28 -8.58 9.65 0.86
C ILE A 28 -7.37 10.09 1.69
N GLY A 29 -6.21 9.50 1.40
CA GLY A 29 -5.00 9.84 2.11
C GLY A 29 -4.73 8.89 3.28
N GLU A 30 -5.18 7.65 3.14
CA GLU A 30 -4.99 6.65 4.18
C GLU A 30 -3.50 6.41 4.43
N ILE A 31 -2.82 5.86 3.43
CA ILE A 31 -1.39 5.58 3.54
C ILE A 31 -0.58 6.50 2.63
N THR A 32 0.57 6.94 3.12
CA THR A 32 1.44 7.82 2.35
C THR A 32 2.26 7.03 1.34
N LYS A 33 2.58 7.68 0.22
CA LYS A 33 3.36 7.03 -0.84
C LYS A 33 4.62 6.40 -0.27
N GLU A 34 5.19 7.03 0.75
CA GLU A 34 6.40 6.53 1.39
C GLU A 34 6.27 5.04 1.69
N LEU A 35 5.07 4.60 2.05
CA LEU A 35 4.82 3.21 2.37
C LEU A 35 4.80 2.36 1.09
N TYR A 36 4.18 2.89 0.04
CA TYR A 36 4.09 2.19 -1.22
C TYR A 36 5.47 1.74 -1.70
N ILE A 37 6.46 2.60 -1.52
CA ILE A 37 7.82 2.30 -1.94
C ILE A 37 8.56 1.53 -0.85
N GLU A 38 8.37 1.95 0.41
CA GLU A 38 9.03 1.31 1.54
C GLU A 38 8.79 -0.20 1.51
N LEU A 39 7.51 -0.59 1.53
CA LEU A 39 7.15 -2.00 1.51
C LEU A 39 7.81 -2.72 0.34
N SER A 40 7.94 -2.02 -0.78
CA SER A 40 8.55 -2.59 -1.98
C SER A 40 9.92 -3.20 -1.65
N SER A 41 10.83 -2.35 -1.19
CA SER A 41 12.18 -2.80 -0.83
C SER A 41 12.85 -3.47 -2.02
N ASP A 42 12.70 -2.87 -3.20
CA ASP A 42 13.31 -3.41 -4.41
C ASP A 42 14.34 -2.45 -4.98
N LEU A 43 15.62 -2.79 -4.79
CA LEU A 43 16.71 -1.95 -5.29
C LEU A 43 18.00 -2.76 -5.39
N MET A 1 -8.25 4.11 11.47
CA MET A 1 -9.33 3.13 11.41
C MET A 1 -9.06 2.12 10.30
N ASN A 2 -8.51 2.59 9.19
CA ASN A 2 -8.21 1.71 8.06
C ASN A 2 -6.74 1.81 7.68
N LYS A 3 -5.87 1.82 8.68
CA LYS A 3 -4.43 1.90 8.44
C LYS A 3 -3.73 0.65 8.93
N GLU A 4 -4.17 0.12 10.07
CA GLU A 4 -3.58 -1.08 10.64
C GLU A 4 -4.15 -2.34 9.97
N HIS A 5 -5.46 -2.31 9.68
CA HIS A 5 -6.12 -3.43 9.04
C HIS A 5 -5.77 -3.51 7.56
N ILE A 6 -5.75 -2.35 6.90
CA ILE A 6 -5.43 -2.28 5.49
C ILE A 6 -4.07 -2.90 5.20
N LEU A 7 -3.18 -2.85 6.18
CA LEU A 7 -1.84 -3.41 6.03
C LEU A 7 -1.91 -4.89 5.65
N ALA A 8 -3.04 -5.52 5.96
CA ALA A 8 -3.23 -6.94 5.65
C ALA A 8 -3.78 -7.11 4.25
N GLN A 9 -4.43 -6.08 3.73
CA GLN A 9 -5.00 -6.13 2.39
C GLN A 9 -3.91 -6.24 1.33
N LYS A 10 -2.96 -5.31 1.37
CA LYS A 10 -1.86 -5.31 0.42
C LYS A 10 -0.91 -6.48 0.67
N GLU A 11 -1.11 -7.15 1.80
CA GLU A 11 -0.27 -8.29 2.16
C GLU A 11 -0.89 -9.59 1.68
N VAL A 12 -2.21 -9.58 1.50
CA VAL A 12 -2.92 -10.77 1.04
C VAL A 12 -3.05 -10.77 -0.49
N LEU A 13 -2.19 -10.01 -1.14
CA LEU A 13 -2.20 -9.92 -2.61
C LEU A 13 -0.79 -9.93 -3.16
N THR A 14 -0.67 -10.25 -4.46
CA THR A 14 0.63 -10.29 -5.11
C THR A 14 1.41 -9.00 -4.87
N PRO A 15 2.74 -9.06 -5.08
CA PRO A 15 3.62 -7.91 -4.89
C PRO A 15 3.39 -6.82 -5.94
N ILE A 16 2.99 -7.24 -7.14
CA ILE A 16 2.74 -6.30 -8.22
C ILE A 16 1.43 -5.55 -8.01
N GLU A 17 0.46 -6.22 -7.40
CA GLU A 17 -0.84 -5.62 -7.14
C GLU A 17 -0.76 -4.64 -5.97
N TYR A 18 0.03 -5.01 -4.96
CA TYR A 18 0.19 -4.17 -3.78
C TYR A 18 0.67 -2.77 -4.17
N GLU A 19 1.63 -2.72 -5.08
CA GLU A 19 2.17 -1.44 -5.53
C GLU A 19 1.07 -0.52 -6.03
N HIS A 20 0.09 -1.11 -6.72
CA HIS A 20 -1.04 -0.34 -7.25
C HIS A 20 -2.11 -0.14 -6.18
N TYR A 21 -2.14 -1.03 -5.21
CA TYR A 21 -3.12 -0.96 -4.12
C TYR A 21 -3.04 0.39 -3.41
N VAL A 22 -1.86 1.00 -3.45
CA VAL A 22 -1.65 2.29 -2.81
C VAL A 22 -2.13 3.43 -3.70
N LYS A 23 -2.27 3.15 -4.98
CA LYS A 23 -2.72 4.16 -5.95
C LYS A 23 -4.08 4.73 -5.54
N HIS A 24 -4.97 3.84 -5.09
CA HIS A 24 -6.30 4.26 -4.67
C HIS A 24 -6.24 4.98 -3.33
N LEU A 25 -5.34 4.53 -2.46
CA LEU A 25 -5.20 5.14 -1.14
C LEU A 25 -5.00 6.65 -1.25
N PHE A 26 -4.16 7.08 -2.18
CA PHE A 26 -3.90 8.49 -2.39
C PHE A 26 -5.20 9.28 -2.49
N ASP A 27 -6.24 8.63 -3.00
CA ASP A 27 -7.55 9.26 -3.15
C ASP A 27 -7.96 9.96 -1.86
N ILE A 28 -7.89 9.23 -0.75
CA ILE A 28 -8.26 9.79 0.55
C ILE A 28 -7.02 10.20 1.34
N GLY A 29 -5.91 9.51 1.08
CA GLY A 29 -4.68 9.82 1.78
C GLY A 29 -4.39 8.84 2.91
N GLU A 30 -4.93 7.63 2.79
CA GLU A 30 -4.72 6.61 3.80
C GLU A 30 -3.24 6.33 4.01
N ILE A 31 -2.59 5.80 2.97
CA ILE A 31 -1.17 5.49 3.03
C ILE A 31 -0.36 6.43 2.13
N THR A 32 0.72 6.97 2.67
CA THR A 32 1.58 7.87 1.92
C THR A 32 2.59 7.10 1.08
N LYS A 33 3.19 7.79 0.12
CA LYS A 33 4.19 7.17 -0.75
C LYS A 33 5.32 6.56 0.06
N GLU A 34 5.61 7.15 1.22
CA GLU A 34 6.66 6.65 2.08
C GLU A 34 6.53 5.16 2.30
N LEU A 35 5.28 4.68 2.38
CA LEU A 35 5.02 3.27 2.60
C LEU A 35 5.14 2.49 1.29
N TYR A 36 4.48 2.99 0.25
CA TYR A 36 4.50 2.34 -1.06
C TYR A 36 5.94 2.08 -1.50
N ILE A 37 6.84 3.00 -1.18
CA ILE A 37 8.23 2.87 -1.54
C ILE A 37 8.98 1.98 -0.55
N GLU A 38 8.88 2.33 0.72
CA GLU A 38 9.55 1.56 1.78
C GLU A 38 9.22 0.07 1.66
N LEU A 39 7.94 -0.25 1.72
CA LEU A 39 7.49 -1.63 1.62
C LEU A 39 7.94 -2.25 0.30
N SER A 40 7.94 -1.45 -0.76
CA SER A 40 8.36 -1.92 -2.07
C SER A 40 9.79 -2.44 -2.05
N SER A 41 10.74 -1.52 -1.93
CA SER A 41 12.16 -1.88 -1.89
C SER A 41 12.58 -2.55 -3.20
N ASP A 42 12.04 -2.05 -4.31
CA ASP A 42 12.37 -2.61 -5.63
C ASP A 42 12.76 -1.50 -6.59
N LEU A 43 13.25 -1.89 -7.77
CA LEU A 43 13.66 -0.93 -8.78
C LEU A 43 12.81 -1.06 -10.04
N MET A 1 -10.20 3.77 9.42
CA MET A 1 -9.51 4.95 9.91
C MET A 1 -8.00 4.83 9.71
N ASN A 2 -7.40 3.88 10.42
CA ASN A 2 -5.95 3.65 10.33
C ASN A 2 -5.63 2.75 9.13
N LYS A 3 -4.35 2.38 9.02
CA LYS A 3 -3.90 1.52 7.93
C LYS A 3 -3.22 0.26 8.47
N GLU A 4 -3.70 -0.22 9.61
CA GLU A 4 -3.14 -1.42 10.24
C GLU A 4 -3.72 -2.67 9.61
N HIS A 5 -5.04 -2.67 9.39
CA HIS A 5 -5.72 -3.81 8.80
C HIS A 5 -5.61 -3.78 7.27
N ILE A 6 -5.65 -2.59 6.70
CA ILE A 6 -5.56 -2.42 5.26
C ILE A 6 -4.32 -3.11 4.71
N LEU A 7 -3.24 -3.10 5.50
CA LEU A 7 -1.99 -3.74 5.10
C LEU A 7 -2.21 -5.20 4.72
N ALA A 8 -3.11 -5.85 5.43
CA ALA A 8 -3.42 -7.26 5.18
C ALA A 8 -3.94 -7.46 3.76
N GLN A 9 -4.68 -6.47 3.26
CA GLN A 9 -5.23 -6.54 1.91
C GLN A 9 -4.11 -6.57 0.86
N LYS A 10 -3.10 -5.75 1.07
CA LYS A 10 -1.97 -5.69 0.14
C LYS A 10 -0.92 -6.74 0.49
N GLU A 11 -1.07 -7.35 1.67
CA GLU A 11 -0.14 -8.37 2.13
C GLU A 11 -0.65 -9.77 1.77
N VAL A 12 -1.75 -9.81 1.03
CA VAL A 12 -2.35 -11.09 0.62
C VAL A 12 -2.60 -11.11 -0.88
N LEU A 13 -1.83 -10.32 -1.62
CA LEU A 13 -1.97 -10.26 -3.07
C LEU A 13 -0.61 -10.21 -3.75
N THR A 14 -0.59 -10.37 -5.07
CA THR A 14 0.64 -10.34 -5.83
C THR A 14 1.42 -9.06 -5.57
N PRO A 15 2.73 -9.08 -5.90
CA PRO A 15 3.60 -7.92 -5.72
C PRO A 15 3.28 -6.79 -6.69
N ILE A 16 2.62 -7.13 -7.78
CA ILE A 16 2.25 -6.14 -8.79
C ILE A 16 1.00 -5.38 -8.37
N GLU A 17 0.10 -6.06 -7.67
CA GLU A 17 -1.14 -5.44 -7.20
C GLU A 17 -0.90 -4.60 -5.95
N TYR A 18 0.00 -5.07 -5.09
CA TYR A 18 0.32 -4.37 -3.86
C TYR A 18 0.92 -3.00 -4.16
N GLU A 19 1.62 -2.89 -5.28
CA GLU A 19 2.25 -1.63 -5.68
C GLU A 19 1.19 -0.57 -5.96
N HIS A 20 0.35 -0.83 -6.96
CA HIS A 20 -0.70 0.10 -7.34
C HIS A 20 -1.80 0.14 -6.27
N TYR A 21 -1.79 -0.86 -5.39
CA TYR A 21 -2.79 -0.95 -4.33
C TYR A 21 -2.83 0.34 -3.51
N VAL A 22 -1.70 1.02 -3.45
CA VAL A 22 -1.59 2.27 -2.69
C VAL A 22 -2.13 3.45 -3.51
N LYS A 23 -2.21 3.27 -4.82
CA LYS A 23 -2.70 4.31 -5.72
C LYS A 23 -4.13 4.70 -5.36
N HIS A 24 -4.92 3.71 -4.93
CA HIS A 24 -6.30 3.95 -4.55
C HIS A 24 -6.39 4.62 -3.18
N LEU A 25 -5.45 4.27 -2.30
CA LEU A 25 -5.43 4.83 -0.96
C LEU A 25 -5.41 6.36 -1.01
N PHE A 26 -4.49 6.91 -1.80
CA PHE A 26 -4.37 8.36 -1.94
C PHE A 26 -5.74 9.00 -2.13
N ASP A 27 -6.65 8.29 -2.78
CA ASP A 27 -7.99 8.78 -3.03
C ASP A 27 -8.61 9.30 -1.73
N ILE A 28 -8.58 8.48 -0.68
CA ILE A 28 -9.13 8.87 0.60
C ILE A 28 -8.06 9.42 1.53
N GLY A 29 -6.82 8.96 1.34
CA GLY A 29 -5.72 9.42 2.17
C GLY A 29 -5.36 8.43 3.25
N GLU A 30 -5.66 7.16 3.01
CA GLU A 30 -5.36 6.11 3.99
C GLU A 30 -3.86 6.02 4.25
N ILE A 31 -3.12 5.56 3.25
CA ILE A 31 -1.67 5.42 3.37
C ILE A 31 -0.96 6.41 2.47
N THR A 32 0.19 6.91 2.94
CA THR A 32 0.97 7.87 2.17
C THR A 32 2.16 7.19 1.50
N LYS A 33 2.83 7.92 0.60
CA LYS A 33 3.98 7.38 -0.10
C LYS A 33 5.01 6.82 0.87
N GLU A 34 5.03 7.39 2.08
CA GLU A 34 5.98 6.94 3.11
C GLU A 34 6.00 5.42 3.20
N LEU A 35 4.84 4.80 2.98
CA LEU A 35 4.73 3.35 3.04
C LEU A 35 5.04 2.71 1.69
N TYR A 36 4.32 3.15 0.66
CA TYR A 36 4.52 2.62 -0.69
C TYR A 36 6.00 2.65 -1.06
N ILE A 37 6.70 3.68 -0.59
CA ILE A 37 8.12 3.83 -0.89
C ILE A 37 8.95 2.80 -0.12
N GLU A 38 8.87 2.85 1.20
CA GLU A 38 9.62 1.91 2.04
C GLU A 38 9.32 0.47 1.65
N LEU A 39 8.04 0.12 1.64
CA LEU A 39 7.62 -1.23 1.28
C LEU A 39 8.19 -1.64 -0.07
N SER A 40 8.27 -0.68 -0.99
CA SER A 40 8.80 -0.95 -2.32
C SER A 40 10.34 -0.91 -2.32
N SER A 41 10.94 -2.06 -2.00
CA SER A 41 12.39 -2.17 -1.96
C SER A 41 12.93 -2.90 -3.18
N ASP A 42 12.44 -2.50 -4.35
CA ASP A 42 12.87 -3.12 -5.60
C ASP A 42 13.68 -2.15 -6.45
N LEU A 43 14.66 -2.67 -7.17
CA LEU A 43 15.52 -1.85 -8.01
C LEU A 43 15.63 -2.43 -9.41
N MET A 1 -8.41 4.88 13.45
CA MET A 1 -8.80 4.85 12.04
C MET A 1 -8.27 3.60 11.36
N ASN A 2 -8.58 3.45 10.08
CA ASN A 2 -8.14 2.30 9.31
C ASN A 2 -6.70 2.50 8.80
N LYS A 3 -5.89 1.45 8.94
CA LYS A 3 -4.50 1.52 8.50
C LYS A 3 -3.79 0.18 8.74
N GLU A 4 -4.15 -0.48 9.83
CA GLU A 4 -3.55 -1.77 10.18
C GLU A 4 -4.21 -2.90 9.39
N HIS A 5 -5.52 -2.80 9.20
CA HIS A 5 -6.27 -3.81 8.46
C HIS A 5 -6.04 -3.67 6.96
N ILE A 6 -6.10 -2.43 6.47
CA ILE A 6 -5.90 -2.17 5.05
C ILE A 6 -4.56 -2.70 4.57
N LEU A 7 -3.57 -2.67 5.46
CA LEU A 7 -2.23 -3.15 5.12
C LEU A 7 -2.21 -4.67 5.03
N ALA A 8 -3.05 -5.32 5.84
CA ALA A 8 -3.13 -6.77 5.85
C ALA A 8 -3.32 -7.32 4.44
N GLN A 9 -3.95 -6.53 3.57
CA GLN A 9 -4.19 -6.94 2.20
C GLN A 9 -2.89 -6.95 1.39
N LYS A 10 -2.23 -5.79 1.33
CA LYS A 10 -0.99 -5.66 0.60
C LYS A 10 0.08 -6.59 1.17
N GLU A 11 -0.15 -7.06 2.39
CA GLU A 11 0.79 -7.96 3.05
C GLU A 11 0.78 -9.34 2.39
N VAL A 12 -0.34 -9.68 1.77
CA VAL A 12 -0.49 -10.96 1.09
C VAL A 12 -0.57 -10.79 -0.43
N LEU A 13 -1.23 -9.71 -0.86
CA LEU A 13 -1.38 -9.43 -2.28
C LEU A 13 -0.02 -9.49 -2.99
N THR A 14 -0.06 -9.65 -4.31
CA THR A 14 1.15 -9.72 -5.10
C THR A 14 1.90 -8.39 -5.10
N PRO A 15 3.19 -8.44 -5.47
CA PRO A 15 4.04 -7.24 -5.51
C PRO A 15 3.63 -6.28 -6.63
N ILE A 16 3.08 -6.83 -7.69
CA ILE A 16 2.65 -6.03 -8.84
C ILE A 16 1.30 -5.36 -8.56
N GLU A 17 0.44 -6.07 -7.85
CA GLU A 17 -0.89 -5.55 -7.53
C GLU A 17 -0.81 -4.57 -6.36
N TYR A 18 0.09 -4.83 -5.43
CA TYR A 18 0.27 -3.98 -4.27
C TYR A 18 0.62 -2.55 -4.68
N GLU A 19 1.40 -2.43 -5.76
CA GLU A 19 1.81 -1.13 -6.26
C GLU A 19 0.60 -0.22 -6.48
N HIS A 20 -0.51 -0.82 -6.91
CA HIS A 20 -1.73 -0.06 -7.15
C HIS A 20 -2.57 0.04 -5.87
N TYR A 21 -2.43 -0.95 -5.00
CA TYR A 21 -3.18 -0.97 -3.75
C TYR A 21 -3.02 0.35 -3.00
N VAL A 22 -1.85 0.96 -3.13
CA VAL A 22 -1.58 2.24 -2.47
C VAL A 22 -1.96 3.41 -3.36
N LYS A 23 -2.02 3.16 -4.67
CA LYS A 23 -2.37 4.19 -5.64
C LYS A 23 -3.77 4.73 -5.37
N HIS A 24 -4.69 3.84 -5.02
CA HIS A 24 -6.07 4.24 -4.74
C HIS A 24 -6.17 4.91 -3.37
N LEU A 25 -5.37 4.43 -2.43
CA LEU A 25 -5.37 4.99 -1.08
C LEU A 25 -5.22 6.50 -1.11
N PHE A 26 -4.30 6.98 -1.93
CA PHE A 26 -4.06 8.42 -2.06
C PHE A 26 -5.37 9.18 -2.22
N ASP A 27 -6.35 8.53 -2.84
CA ASP A 27 -7.66 9.14 -3.06
C ASP A 27 -8.19 9.76 -1.77
N ILE A 28 -8.19 8.98 -0.70
CA ILE A 28 -8.67 9.44 0.59
C ILE A 28 -7.52 9.86 1.50
N GLY A 29 -6.36 9.24 1.30
CA GLY A 29 -5.20 9.56 2.09
C GLY A 29 -4.95 8.54 3.19
N GLU A 30 -5.42 7.32 2.98
CA GLU A 30 -5.26 6.25 3.97
C GLU A 30 -3.78 6.08 4.33
N ILE A 31 -2.98 5.65 3.36
CA ILE A 31 -1.56 5.44 3.58
C ILE A 31 -0.73 6.46 2.81
N THR A 32 0.36 6.90 3.42
CA THR A 32 1.24 7.88 2.79
C THR A 32 2.06 7.25 1.68
N LYS A 33 2.48 8.07 0.73
CA LYS A 33 3.28 7.60 -0.40
C LYS A 33 4.54 6.89 0.09
N GLU A 34 5.08 7.35 1.22
CA GLU A 34 6.28 6.77 1.80
C GLU A 34 6.14 5.25 1.92
N LEU A 35 5.06 4.81 2.56
CA LEU A 35 4.81 3.39 2.76
C LEU A 35 4.90 2.64 1.43
N TYR A 36 4.25 3.17 0.41
CA TYR A 36 4.25 2.55 -0.91
C TYR A 36 5.68 2.22 -1.34
N ILE A 37 6.62 3.07 -0.96
CA ILE A 37 8.02 2.87 -1.31
C ILE A 37 8.71 1.96 -0.30
N GLU A 38 8.60 2.31 0.98
CA GLU A 38 9.22 1.52 2.05
C GLU A 38 8.83 0.05 1.93
N LEU A 39 7.53 -0.21 1.97
CA LEU A 39 7.02 -1.58 1.87
C LEU A 39 7.51 -2.24 0.58
N SER A 40 7.61 -1.47 -0.48
CA SER A 40 8.06 -1.98 -1.76
C SER A 40 9.45 -2.58 -1.65
N SER A 41 10.46 -1.73 -1.46
CA SER A 41 11.83 -2.18 -1.34
C SER A 41 12.26 -2.97 -2.58
N ASP A 42 11.82 -2.51 -3.74
CA ASP A 42 12.15 -3.17 -4.99
C ASP A 42 12.74 -2.17 -5.99
N LEU A 43 14.04 -2.29 -6.24
CA LEU A 43 14.72 -1.40 -7.18
C LEU A 43 14.49 0.06 -6.80
N MET A 1 -10.06 3.46 6.20
CA MET A 1 -10.61 3.49 7.55
C MET A 1 -9.55 3.13 8.58
N ASN A 2 -8.83 2.04 8.32
CA ASN A 2 -7.78 1.59 9.23
C ASN A 2 -6.40 1.71 8.58
N LYS A 3 -5.41 2.06 9.38
CA LYS A 3 -4.04 2.22 8.89
C LYS A 3 -3.19 1.02 9.29
N GLU A 4 -3.45 0.48 10.47
CA GLU A 4 -2.69 -0.66 10.97
C GLU A 4 -3.24 -1.97 10.40
N HIS A 5 -4.56 -2.03 10.23
CA HIS A 5 -5.21 -3.21 9.69
C HIS A 5 -4.97 -3.32 8.19
N ILE A 6 -5.12 -2.21 7.48
CA ILE A 6 -4.91 -2.19 6.03
C ILE A 6 -3.56 -2.75 5.67
N LEU A 7 -2.58 -2.60 6.56
CA LEU A 7 -1.24 -3.11 6.34
C LEU A 7 -1.26 -4.56 5.88
N ALA A 8 -2.21 -5.32 6.43
CA ALA A 8 -2.35 -6.73 6.08
C ALA A 8 -2.95 -6.90 4.68
N GLN A 9 -3.85 -6.00 4.32
CA GLN A 9 -4.49 -6.06 3.02
C GLN A 9 -3.46 -6.02 1.89
N LYS A 10 -2.63 -4.99 1.89
CA LYS A 10 -1.60 -4.84 0.88
C LYS A 10 -0.74 -6.09 0.78
N GLU A 11 -0.63 -6.81 1.90
CA GLU A 11 0.16 -8.03 1.95
C GLU A 11 -0.60 -9.19 1.31
N VAL A 12 -1.92 -9.18 1.45
CA VAL A 12 -2.76 -10.24 0.90
C VAL A 12 -2.54 -10.36 -0.61
N LEU A 13 -2.95 -9.34 -1.35
CA LEU A 13 -2.81 -9.34 -2.80
C LEU A 13 -1.37 -9.63 -3.20
N THR A 14 -1.15 -9.80 -4.50
CA THR A 14 0.19 -10.08 -5.02
C THR A 14 1.13 -8.90 -4.80
N PRO A 15 2.44 -9.17 -4.86
CA PRO A 15 3.46 -8.14 -4.66
C PRO A 15 3.51 -7.15 -5.82
N ILE A 16 3.02 -7.58 -6.98
CA ILE A 16 3.01 -6.74 -8.16
C ILE A 16 1.75 -5.90 -8.24
N GLU A 17 0.65 -6.43 -7.69
CA GLU A 17 -0.62 -5.72 -7.69
C GLU A 17 -0.70 -4.75 -6.52
N TYR A 18 -0.12 -5.14 -5.38
CA TYR A 18 -0.13 -4.30 -4.19
C TYR A 18 0.43 -2.92 -4.50
N GLU A 19 1.46 -2.86 -5.34
CA GLU A 19 2.08 -1.61 -5.71
C GLU A 19 1.04 -0.60 -6.19
N HIS A 20 -0.03 -1.11 -6.79
CA HIS A 20 -1.11 -0.26 -7.29
C HIS A 20 -2.14 0.00 -6.21
N TYR A 21 -2.26 -0.94 -5.28
CA TYR A 21 -3.22 -0.82 -4.19
C TYR A 21 -3.03 0.50 -3.44
N VAL A 22 -1.79 0.99 -3.43
CA VAL A 22 -1.47 2.24 -2.76
C VAL A 22 -1.86 3.45 -3.59
N LYS A 23 -2.00 3.23 -4.89
CA LYS A 23 -2.38 4.30 -5.82
C LYS A 23 -3.73 4.88 -5.46
N HIS A 24 -4.67 4.00 -5.10
CA HIS A 24 -6.02 4.43 -4.72
C HIS A 24 -6.01 5.11 -3.36
N LEU A 25 -5.14 4.63 -2.47
CA LEU A 25 -5.04 5.20 -1.12
C LEU A 25 -4.83 6.70 -1.19
N PHE A 26 -3.93 7.14 -2.06
CA PHE A 26 -3.63 8.57 -2.21
C PHE A 26 -4.92 9.37 -2.36
N ASP A 27 -5.93 8.74 -2.96
CA ASP A 27 -7.22 9.40 -3.18
C ASP A 27 -7.70 10.07 -1.90
N ILE A 28 -7.71 9.31 -0.80
CA ILE A 28 -8.15 9.83 0.48
C ILE A 28 -6.96 10.21 1.36
N GLY A 29 -5.84 9.52 1.15
CA GLY A 29 -4.65 9.80 1.93
C GLY A 29 -4.45 8.80 3.06
N GLU A 30 -4.97 7.59 2.87
CA GLU A 30 -4.84 6.55 3.88
C GLU A 30 -3.38 6.29 4.22
N ILE A 31 -2.64 5.78 3.24
CA ILE A 31 -1.23 5.48 3.42
C ILE A 31 -0.36 6.43 2.60
N THR A 32 0.77 6.84 3.19
CA THR A 32 1.68 7.75 2.52
C THR A 32 2.63 7.00 1.60
N LYS A 33 3.23 7.70 0.65
CA LYS A 33 4.15 7.10 -0.29
C LYS A 33 5.29 6.40 0.43
N GLU A 34 5.66 6.93 1.60
CA GLU A 34 6.73 6.36 2.39
C GLU A 34 6.56 4.85 2.54
N LEU A 35 5.31 4.41 2.65
CA LEU A 35 5.00 3.00 2.81
C LEU A 35 5.14 2.26 1.47
N TYR A 36 4.45 2.77 0.45
CA TYR A 36 4.50 2.16 -0.88
C TYR A 36 5.94 1.96 -1.34
N ILE A 37 6.80 2.91 -0.98
CA ILE A 37 8.21 2.83 -1.34
C ILE A 37 8.98 1.91 -0.41
N GLU A 38 8.91 2.18 0.88
CA GLU A 38 9.60 1.37 1.88
C GLU A 38 9.26 -0.11 1.70
N LEU A 39 7.97 -0.42 1.79
CA LEU A 39 7.51 -1.80 1.64
C LEU A 39 7.97 -2.38 0.31
N SER A 40 7.99 -1.55 -0.72
CA SER A 40 8.42 -1.99 -2.05
C SER A 40 9.87 -2.45 -2.04
N SER A 41 10.78 -1.50 -1.86
CA SER A 41 12.21 -1.80 -1.82
C SER A 41 12.65 -2.50 -3.11
N ASP A 42 12.09 -2.04 -4.23
CA ASP A 42 12.43 -2.62 -5.54
C ASP A 42 12.90 -1.54 -6.51
N LEU A 43 14.04 -1.78 -7.13
CA LEU A 43 14.61 -0.83 -8.08
C LEU A 43 14.80 0.54 -7.44
N MET A 1 -10.95 4.23 8.79
CA MET A 1 -9.50 4.32 8.79
C MET A 1 -8.87 3.04 9.36
N ASN A 2 -8.33 2.20 8.48
CA ASN A 2 -7.71 0.95 8.90
C ASN A 2 -6.35 0.79 8.24
N LYS A 3 -5.42 1.68 8.54
CA LYS A 3 -4.08 1.64 7.99
C LYS A 3 -3.30 0.44 8.53
N GLU A 4 -3.56 0.11 9.79
CA GLU A 4 -2.88 -1.01 10.44
C GLU A 4 -3.36 -2.34 9.86
N HIS A 5 -4.66 -2.43 9.60
CA HIS A 5 -5.24 -3.65 9.04
C HIS A 5 -4.97 -3.75 7.55
N ILE A 6 -5.30 -2.68 6.82
CA ILE A 6 -5.09 -2.66 5.38
C ILE A 6 -3.65 -3.02 5.02
N LEU A 7 -2.72 -2.69 5.92
CA LEU A 7 -1.31 -3.00 5.71
C LEU A 7 -1.11 -4.48 5.41
N ALA A 8 -1.96 -5.31 5.99
CA ALA A 8 -1.88 -6.75 5.79
C ALA A 8 -2.39 -7.15 4.40
N GLN A 9 -3.38 -6.41 3.91
CA GLN A 9 -3.94 -6.67 2.60
C GLN A 9 -2.87 -6.70 1.52
N LYS A 10 -2.12 -5.61 1.42
CA LYS A 10 -1.05 -5.50 0.44
C LYS A 10 -0.06 -6.65 0.58
N GLU A 11 0.05 -7.19 1.79
CA GLU A 11 0.95 -8.29 2.05
C GLU A 11 0.39 -9.60 1.49
N VAL A 12 -0.94 -9.69 1.44
CA VAL A 12 -1.60 -10.88 0.94
C VAL A 12 -1.70 -10.86 -0.58
N LEU A 13 -2.39 -9.85 -1.10
CA LEU A 13 -2.55 -9.70 -2.55
C LEU A 13 -1.21 -9.77 -3.26
N THR A 14 -1.21 -10.27 -4.49
CA THR A 14 0.00 -10.39 -5.28
C THR A 14 0.75 -9.07 -5.33
N PRO A 15 2.03 -9.12 -5.73
CA PRO A 15 2.88 -7.94 -5.83
C PRO A 15 2.46 -7.03 -6.99
N ILE A 16 1.79 -7.61 -7.97
CA ILE A 16 1.33 -6.84 -9.13
C ILE A 16 0.15 -5.94 -8.77
N GLU A 17 -0.70 -6.42 -7.86
CA GLU A 17 -1.86 -5.66 -7.43
C GLU A 17 -1.47 -4.60 -6.40
N TYR A 18 -0.51 -4.95 -5.55
CA TYR A 18 -0.05 -4.03 -4.50
C TYR A 18 0.51 -2.75 -5.12
N GLU A 19 0.98 -2.85 -6.36
CA GLU A 19 1.53 -1.70 -7.06
C GLU A 19 0.51 -0.57 -7.14
N HIS A 20 -0.70 -0.90 -7.55
CA HIS A 20 -1.77 0.09 -7.67
C HIS A 20 -2.52 0.23 -6.35
N TYR A 21 -2.36 -0.74 -5.48
CA TYR A 21 -3.03 -0.73 -4.18
C TYR A 21 -2.84 0.63 -3.49
N VAL A 22 -1.59 1.09 -3.44
CA VAL A 22 -1.28 2.37 -2.82
C VAL A 22 -1.56 3.53 -3.77
N LYS A 23 -1.58 3.24 -5.06
CA LYS A 23 -1.83 4.26 -6.08
C LYS A 23 -3.23 4.85 -5.91
N HIS A 24 -4.18 4.02 -5.50
CA HIS A 24 -5.55 4.46 -5.30
C HIS A 24 -5.71 5.11 -3.93
N LEU A 25 -5.04 4.56 -2.92
CA LEU A 25 -5.10 5.08 -1.56
C LEU A 25 -4.82 6.58 -1.55
N PHE A 26 -3.87 7.00 -2.37
CA PHE A 26 -3.48 8.41 -2.45
C PHE A 26 -4.73 9.30 -2.59
N ASP A 27 -5.74 8.77 -3.28
CA ASP A 27 -6.98 9.51 -3.49
C ASP A 27 -7.51 10.07 -2.18
N ILE A 28 -7.63 9.18 -1.18
CA ILE A 28 -8.14 9.58 0.13
C ILE A 28 -7.00 9.98 1.06
N GLY A 29 -5.82 9.40 0.83
CA GLY A 29 -4.67 9.71 1.65
C GLY A 29 -4.49 8.71 2.79
N GLU A 30 -4.94 7.49 2.57
CA GLU A 30 -4.82 6.44 3.58
C GLU A 30 -3.39 6.34 4.09
N ILE A 31 -2.49 5.87 3.23
CA ILE A 31 -1.08 5.72 3.59
C ILE A 31 -0.20 6.68 2.79
N THR A 32 0.92 7.07 3.38
CA THR A 32 1.85 7.99 2.72
C THR A 32 2.87 7.23 1.88
N LYS A 33 3.41 7.89 0.87
CA LYS A 33 4.39 7.28 0.00
C LYS A 33 5.47 6.55 0.81
N GLU A 34 5.77 7.09 1.98
CA GLU A 34 6.78 6.48 2.86
C GLU A 34 6.54 4.98 3.00
N LEU A 35 5.27 4.59 3.09
CA LEU A 35 4.91 3.19 3.23
C LEU A 35 5.08 2.44 1.91
N TYR A 36 4.46 2.95 0.86
CA TYR A 36 4.54 2.33 -0.46
C TYR A 36 6.00 2.05 -0.83
N ILE A 37 6.88 2.97 -0.45
CA ILE A 37 8.30 2.83 -0.74
C ILE A 37 8.98 1.90 0.26
N GLU A 38 8.87 2.24 1.55
CA GLU A 38 9.47 1.42 2.60
C GLU A 38 9.08 -0.04 2.45
N LEU A 39 7.78 -0.31 2.48
CA LEU A 39 7.28 -1.67 2.35
C LEU A 39 7.78 -2.32 1.06
N SER A 40 7.86 -1.53 0.00
CA SER A 40 8.34 -2.02 -1.29
C SER A 40 9.76 -2.54 -1.19
N SER A 41 10.68 -1.64 -0.84
CA SER A 41 12.09 -2.00 -0.72
C SER A 41 12.59 -2.68 -1.98
N ASP A 42 12.36 -2.04 -3.13
CA ASP A 42 12.79 -2.57 -4.41
C ASP A 42 13.49 -1.50 -5.24
N LEU A 43 12.77 -0.43 -5.52
CA LEU A 43 13.34 0.67 -6.32
C LEU A 43 13.77 1.82 -5.41
N MET A 1 -10.29 1.58 5.38
CA MET A 1 -9.91 2.58 6.37
C MET A 1 -9.41 1.89 7.65
N ASN A 2 -8.18 1.39 7.60
CA ASN A 2 -7.59 0.72 8.75
C ASN A 2 -6.18 1.23 9.03
N LYS A 3 -5.41 1.44 7.97
CA LYS A 3 -4.04 1.95 8.09
C LYS A 3 -3.12 0.87 8.64
N GLU A 4 -3.37 0.44 9.86
CA GLU A 4 -2.55 -0.59 10.49
C GLU A 4 -3.00 -1.98 10.05
N HIS A 5 -4.31 -2.17 9.93
CA HIS A 5 -4.86 -3.46 9.52
C HIS A 5 -4.82 -3.60 8.00
N ILE A 6 -5.06 -2.49 7.30
CA ILE A 6 -5.07 -2.50 5.85
C ILE A 6 -3.73 -2.99 5.31
N LEU A 7 -2.65 -2.65 6.00
CA LEU A 7 -1.31 -3.06 5.59
C LEU A 7 -1.24 -4.57 5.39
N ALA A 8 -2.04 -5.30 6.15
CA ALA A 8 -2.08 -6.75 6.05
C ALA A 8 -2.57 -7.20 4.67
N GLN A 9 -3.48 -6.43 4.10
CA GLN A 9 -4.03 -6.74 2.78
C GLN A 9 -2.93 -6.71 1.71
N LYS A 10 -2.28 -5.56 1.58
CA LYS A 10 -1.21 -5.40 0.60
C LYS A 10 -0.13 -6.46 0.79
N GLU A 11 -0.03 -6.97 2.01
CA GLU A 11 0.97 -7.99 2.33
C GLU A 11 0.63 -9.32 1.65
N VAL A 12 -0.65 -9.51 1.34
CA VAL A 12 -1.10 -10.73 0.69
C VAL A 12 -1.22 -10.53 -0.81
N LEU A 13 -1.85 -9.43 -1.22
CA LEU A 13 -2.02 -9.12 -2.64
C LEU A 13 -0.69 -9.23 -3.38
N THR A 14 -0.77 -9.45 -4.70
CA THR A 14 0.42 -9.57 -5.53
C THR A 14 1.25 -8.30 -5.49
N PRO A 15 2.52 -8.40 -5.90
CA PRO A 15 3.44 -7.26 -5.92
C PRO A 15 3.08 -6.25 -7.00
N ILE A 16 2.45 -6.72 -8.07
CA ILE A 16 2.04 -5.85 -9.16
C ILE A 16 0.70 -5.19 -8.87
N GLU A 17 -0.17 -5.90 -8.16
CA GLU A 17 -1.49 -5.38 -7.82
C GLU A 17 -1.40 -4.43 -6.63
N TYR A 18 -0.51 -4.73 -5.69
CA TYR A 18 -0.34 -3.91 -4.51
C TYR A 18 0.07 -2.49 -4.89
N GLU A 19 0.88 -2.37 -5.93
CA GLU A 19 1.34 -1.08 -6.41
C GLU A 19 0.17 -0.12 -6.62
N HIS A 20 -0.96 -0.68 -7.03
CA HIS A 20 -2.15 0.12 -7.28
C HIS A 20 -2.97 0.28 -6.01
N TYR A 21 -2.88 -0.71 -5.12
CA TYR A 21 -3.61 -0.68 -3.85
C TYR A 21 -3.34 0.62 -3.10
N VAL A 22 -2.13 1.14 -3.23
CA VAL A 22 -1.75 2.37 -2.57
C VAL A 22 -2.16 3.58 -3.38
N LYS A 23 -2.35 3.38 -4.68
CA LYS A 23 -2.75 4.45 -5.59
C LYS A 23 -4.13 5.00 -5.20
N HIS A 24 -5.01 4.11 -4.76
CA HIS A 24 -6.35 4.50 -4.36
C HIS A 24 -6.35 5.13 -2.98
N LEU A 25 -5.46 4.66 -2.11
CA LEU A 25 -5.35 5.18 -0.76
C LEU A 25 -5.18 6.69 -0.77
N PHE A 26 -4.30 7.18 -1.63
CA PHE A 26 -4.04 8.61 -1.74
C PHE A 26 -5.35 9.39 -1.82
N ASP A 27 -6.38 8.77 -2.40
CA ASP A 27 -7.68 9.40 -2.52
C ASP A 27 -8.14 10.00 -1.19
N ILE A 28 -8.09 9.18 -0.14
CA ILE A 28 -8.49 9.63 1.19
C ILE A 28 -7.28 10.01 2.03
N GLY A 29 -6.14 9.37 1.75
CA GLY A 29 -4.93 9.65 2.50
C GLY A 29 -4.66 8.62 3.57
N GLU A 30 -5.16 7.40 3.36
CA GLU A 30 -4.96 6.33 4.32
C GLU A 30 -3.47 6.10 4.58
N ILE A 31 -2.77 5.67 3.55
CA ILE A 31 -1.34 5.41 3.66
C ILE A 31 -0.53 6.43 2.87
N THR A 32 0.61 6.83 3.43
CA THR A 32 1.49 7.81 2.78
C THR A 32 2.23 7.19 1.61
N LYS A 33 2.61 8.01 0.64
CA LYS A 33 3.32 7.55 -0.54
C LYS A 33 4.60 6.81 -0.14
N GLU A 34 5.21 7.24 0.97
CA GLU A 34 6.44 6.62 1.46
C GLU A 34 6.27 5.10 1.56
N LEU A 35 5.22 4.67 2.25
CA LEU A 35 4.95 3.25 2.44
C LEU A 35 4.98 2.52 1.09
N TYR A 36 4.30 3.08 0.10
CA TYR A 36 4.26 2.48 -1.23
C TYR A 36 5.66 2.14 -1.72
N ILE A 37 6.63 2.98 -1.35
CA ILE A 37 8.02 2.77 -1.76
C ILE A 37 8.73 1.84 -0.78
N GLU A 38 8.69 2.18 0.50
CA GLU A 38 9.35 1.37 1.52
C GLU A 38 8.92 -0.10 1.40
N LEU A 39 7.63 -0.35 1.49
CA LEU A 39 7.10 -1.70 1.39
C LEU A 39 7.50 -2.34 0.07
N SER A 40 7.54 -1.55 -0.99
CA SER A 40 7.91 -2.04 -2.30
C SER A 40 9.36 -2.52 -2.32
N SER A 41 10.29 -1.58 -2.41
CA SER A 41 11.71 -1.91 -2.43
C SER A 41 12.03 -2.81 -3.62
N ASP A 42 11.91 -4.12 -3.41
CA ASP A 42 12.19 -5.10 -4.46
C ASP A 42 13.68 -5.14 -4.78
N LEU A 43 14.18 -4.08 -5.40
CA LEU A 43 15.60 -4.01 -5.76
C LEU A 43 15.99 -5.17 -6.65
#